data_5MZK
#
_entry.id   5MZK
#
_cell.length_a   69.550
_cell.length_b   52.720
_cell.length_c   136.760
_cell.angle_alpha   90.00
_cell.angle_beta   103.99
_cell.angle_gamma   90.00
#
_symmetry.space_group_name_H-M   'P 1 21 1'
#
loop_
_entity.id
_entity.type
_entity.pdbx_description
1 polymer 'Kynurenine 3-monooxygenase'
2 non-polymer 'FLAVIN-ADENINE DINUCLEOTIDE'
3 non-polymer 'CHLORIDE ION'
4 non-polymer '3-[5-chloro-6-(cyclobutylmethoxy)-2-oxo-2,3-dihydro-1,3-benzoxazol-3-yl]propanoic acid'
5 non-polymer GLYCEROL
6 water water
#
_entity_poly.entity_id   1
_entity_poly.type   'polypeptide(L)'
_entity_poly.pdbx_seq_one_letter_code
;MTATDNARQVTIIGAGLAGTLVARLLARNGWQVNLFERRPDPRIETGARGRSINLALAERGAHALRLAGLEREVLAEAVM
MRGRMVHVPGTPPNLQPYGRDDSEVIWSINRDRLNRILLDGAEAAGASIHFNLGLDSVDFARQRLTLSNVSGERLEKRFH
LLIGADGCNSAVRQAMASVVDLGEHLETQPHGYKELQITPEASAQFNLEPNALHIWPHGDYMCIALPNLDRSFTVTLFLH
HQSPAAQPASPSFAQLVDGHAARRFFQRQFPDLSPMLDSLEQDFEHHPTGKLATLRLTTWHVGGQAVLLGDAAHPMVPFH
GQGMNCALEDAVALAEHLQSAADNASALAAFTAQRQPDALAIQAMALENYVEMSSKVASPTYLLERELGQIMAQRQPTRF
IPRYSMVTFSRLPYAQAMARGQIQEQLLKFAVANHSDLTSINLDAVEHEVTRCLPPLSHLS
;
_entity_poly.pdbx_strand_id   A,B
#
loop_
_chem_comp.id
_chem_comp.type
_chem_comp.name
_chem_comp.formula
CL non-polymer 'CHLORIDE ION' 'Cl -1'
FAD non-polymer 'FLAVIN-ADENINE DINUCLEOTIDE' 'C27 H33 N9 O15 P2'
GOL non-polymer GLYCEROL 'C3 H8 O3'
OK1 non-polymer '3-[5-chloro-6-(cyclobutylmethoxy)-2-oxo-2,3-dihydro-1,3-benzoxazol-3-yl]propanoic acid' 'C15 H16 Cl N O5'
#
# COMPACT_ATOMS: atom_id res chain seq x y z
N ALA A 7 -6.76 6.63 -50.12
CA ALA A 7 -6.62 7.18 -48.78
C ALA A 7 -7.75 6.72 -47.86
N ARG A 8 -7.41 6.35 -46.62
CA ARG A 8 -8.40 5.90 -45.64
C ARG A 8 -9.29 7.08 -45.22
N GLN A 9 -10.57 6.81 -45.02
CA GLN A 9 -11.56 7.85 -44.70
C GLN A 9 -12.03 7.79 -43.27
N VAL A 10 -12.31 8.97 -42.70
CA VAL A 10 -12.81 9.07 -41.34
C VAL A 10 -13.70 10.32 -41.17
N THR A 11 -14.76 10.13 -40.39
CA THR A 11 -15.71 11.14 -39.97
C THR A 11 -15.58 11.29 -38.47
N ILE A 12 -15.37 12.52 -38.04
CA ILE A 12 -15.21 12.85 -36.63
C ILE A 12 -16.35 13.78 -36.23
N ILE A 13 -16.98 13.48 -35.13
CA ILE A 13 -18.05 14.27 -34.57
C ILE A 13 -17.49 15.03 -33.38
N GLY A 14 -17.48 16.35 -33.47
CA GLY A 14 -17.05 17.22 -32.38
C GLY A 14 -15.68 17.81 -32.59
N ALA A 15 -15.66 19.12 -32.96
CA ALA A 15 -14.40 19.85 -33.14
C ALA A 15 -14.03 20.53 -31.81
N GLY A 16 -13.89 19.71 -30.76
CA GLY A 16 -13.51 20.16 -29.44
C GLY A 16 -12.01 19.97 -29.28
N LEU A 17 -11.55 19.44 -28.17
CA LEU A 17 -10.12 19.30 -27.99
C LEU A 17 -9.58 17.99 -28.56
N ALA A 18 -10.20 16.85 -28.18
CA ALA A 18 -9.76 15.55 -28.71
C ALA A 18 -10.07 15.40 -30.21
N GLY A 19 -11.25 15.82 -30.65
CA GLY A 19 -11.65 15.68 -32.06
C GLY A 19 -10.76 16.42 -33.04
N THR A 20 -10.40 17.66 -32.70
CA THR A 20 -9.53 18.48 -33.57
CA THR A 20 -9.56 18.46 -33.58
C THR A 20 -8.12 17.96 -33.59
N LEU A 21 -7.62 17.49 -32.42
CA LEU A 21 -6.25 16.94 -32.39
C LEU A 21 -6.19 15.66 -33.22
N VAL A 22 -7.17 14.78 -33.06
CA VAL A 22 -7.16 13.51 -33.81
C VAL A 22 -7.33 13.80 -35.32
N ALA A 23 -8.12 14.82 -35.69
CA ALA A 23 -8.31 15.26 -37.08
C ALA A 23 -6.95 15.67 -37.71
N ARG A 24 -6.16 16.48 -37.01
CA ARG A 24 -4.84 16.92 -37.48
C ARG A 24 -3.89 15.73 -37.67
N LEU A 25 -3.81 14.86 -36.63
CA LEU A 25 -2.91 13.71 -36.65
C LEU A 25 -3.21 12.77 -37.81
N LEU A 26 -4.50 12.48 -38.03
CA LEU A 26 -4.90 11.59 -39.14
C LEU A 26 -4.69 12.25 -40.52
N ALA A 27 -5.13 13.53 -40.66
CA ALA A 27 -5.01 14.25 -41.93
C ALA A 27 -3.54 14.41 -42.37
N ARG A 28 -2.62 14.64 -41.42
CA ARG A 28 -1.21 14.78 -41.80
C ARG A 28 -0.60 13.42 -42.21
N ASN A 29 -1.23 12.31 -41.78
CA ASN A 29 -0.88 10.95 -42.20
C ASN A 29 -1.60 10.56 -43.52
N GLY A 30 -2.20 11.53 -44.19
CA GLY A 30 -2.86 11.28 -45.47
C GLY A 30 -4.30 10.80 -45.43
N TRP A 31 -4.94 10.70 -44.25
CA TRP A 31 -6.35 10.28 -44.17
C TRP A 31 -7.28 11.38 -44.73
N GLN A 32 -8.42 11.00 -45.31
CA GLN A 32 -9.42 11.95 -45.78
C GLN A 32 -10.29 12.14 -44.54
N VAL A 33 -10.22 13.36 -43.95
CA VAL A 33 -10.88 13.68 -42.68
C VAL A 33 -11.98 14.72 -42.86
N ASN A 34 -13.20 14.37 -42.41
CA ASN A 34 -14.32 15.28 -42.34
C ASN A 34 -14.72 15.38 -40.87
N LEU A 35 -14.71 16.59 -40.35
CA LEU A 35 -15.01 16.87 -38.95
C LEU A 35 -16.29 17.70 -38.87
N PHE A 36 -17.28 17.22 -38.13
CA PHE A 36 -18.57 17.90 -37.96
C PHE A 36 -18.71 18.49 -36.58
N GLU A 37 -19.07 19.78 -36.50
CA GLU A 37 -19.20 20.49 -35.21
C GLU A 37 -20.57 21.16 -35.10
N ARG A 38 -21.27 20.95 -33.96
CA ARG A 38 -22.62 21.52 -33.75
C ARG A 38 -22.57 23.08 -33.65
N ARG A 39 -21.56 23.60 -32.96
CA ARG A 39 -21.41 25.04 -32.76
C ARG A 39 -20.92 25.79 -34.03
N PRO A 40 -21.04 27.15 -34.08
CA PRO A 40 -20.44 27.89 -35.21
C PRO A 40 -18.91 27.90 -35.07
N ASP A 41 -18.20 28.30 -36.13
CA ASP A 41 -16.74 28.41 -36.10
C ASP A 41 -16.33 29.57 -35.16
N PRO A 42 -15.62 29.30 -34.04
CA PRO A 42 -15.27 30.39 -33.12
C PRO A 42 -14.24 31.35 -33.73
N ARG A 43 -13.57 30.93 -34.81
CA ARG A 43 -12.62 31.79 -35.53
C ARG A 43 -13.31 32.88 -36.35
N ILE A 44 -14.64 32.77 -36.57
CA ILE A 44 -15.36 33.81 -37.31
C ILE A 44 -15.69 34.86 -36.28
N GLU A 45 -14.98 36.01 -36.32
CA GLU A 45 -15.19 37.07 -35.34
C GLU A 45 -16.57 37.69 -35.48
N THR A 46 -17.27 37.74 -34.34
CA THR A 46 -18.60 38.34 -34.23
C THR A 46 -18.49 39.52 -33.27
N GLY A 47 -19.62 40.18 -32.99
CA GLY A 47 -19.66 41.28 -32.05
C GLY A 47 -20.00 40.82 -30.65
N ALA A 48 -20.20 39.50 -30.45
CA ALA A 48 -20.52 38.88 -29.16
C ALA A 48 -19.38 38.99 -28.17
N ARG A 49 -19.77 39.08 -26.89
CA ARG A 49 -18.84 39.19 -25.77
C ARG A 49 -18.72 37.80 -25.11
N GLY A 50 -17.68 37.07 -25.50
CA GLY A 50 -17.40 35.73 -24.99
C GLY A 50 -16.49 35.75 -23.77
N ARG A 51 -16.89 35.02 -22.71
CA ARG A 51 -16.11 34.97 -21.45
C ARG A 51 -14.82 34.13 -21.59
N SER A 52 -13.75 34.65 -20.95
CA SER A 52 -12.37 34.14 -20.92
C SER A 52 -12.09 32.92 -20.00
N ILE A 53 -12.87 31.80 -20.17
CA ILE A 53 -12.69 30.56 -19.39
C ILE A 53 -11.35 29.84 -19.71
N ASN A 54 -10.73 29.25 -18.67
CA ASN A 54 -9.41 28.56 -18.69
C ASN A 54 -9.48 27.14 -18.23
N LEU A 55 -8.39 26.41 -18.51
CA LEU A 55 -8.12 25.04 -18.04
C LEU A 55 -6.61 24.98 -17.75
N ALA A 56 -6.20 23.91 -17.06
CA ALA A 56 -4.80 23.63 -16.70
C ALA A 56 -4.26 22.58 -17.66
N LEU A 57 -3.22 22.93 -18.40
CA LEU A 57 -2.52 22.09 -19.35
C LEU A 57 -1.27 21.55 -18.62
N ALA A 58 -1.12 20.24 -18.58
CA ALA A 58 -0.01 19.60 -17.91
C ALA A 58 0.80 18.76 -18.93
N GLU A 59 1.80 17.99 -18.48
CA GLU A 59 2.70 17.25 -19.40
C GLU A 59 1.97 16.32 -20.42
N ARG A 60 0.92 15.59 -20.02
CA ARG A 60 0.20 14.72 -20.96
C ARG A 60 -0.41 15.51 -22.15
N GLY A 61 -1.10 16.61 -21.85
CA GLY A 61 -1.66 17.47 -22.89
C GLY A 61 -0.57 18.18 -23.68
N ALA A 62 0.48 18.70 -23.00
CA ALA A 62 1.58 19.41 -23.66
C ALA A 62 2.33 18.49 -24.63
N HIS A 63 2.59 17.22 -24.21
CA HIS A 63 3.29 16.26 -25.06
C HIS A 63 2.45 15.92 -26.30
N ALA A 64 1.12 15.76 -26.13
CA ALA A 64 0.24 15.47 -27.26
C ALA A 64 0.31 16.63 -28.27
N LEU A 65 0.29 17.90 -27.77
CA LEU A 65 0.41 19.09 -28.63
C LEU A 65 1.79 19.15 -29.31
N ARG A 66 2.84 18.75 -28.58
CA ARG A 66 4.24 18.71 -29.02
C ARG A 66 4.38 17.75 -30.22
N LEU A 67 3.79 16.53 -30.11
CA LEU A 67 3.80 15.55 -31.21
C LEU A 67 3.09 16.13 -32.45
N ALA A 68 2.03 16.92 -32.24
CA ALA A 68 1.24 17.56 -33.29
C ALA A 68 1.90 18.82 -33.85
N GLY A 69 2.98 19.29 -33.21
CA GLY A 69 3.72 20.48 -33.60
C GLY A 69 3.01 21.78 -33.26
N LEU A 70 2.14 21.76 -32.24
CA LEU A 70 1.35 22.92 -31.84
C LEU A 70 1.70 23.46 -30.44
N GLU A 71 2.57 22.79 -29.71
CA GLU A 71 2.87 23.15 -28.32
C GLU A 71 3.36 24.61 -28.17
N ARG A 72 4.37 25.03 -28.95
CA ARG A 72 4.94 26.39 -28.88
C ARG A 72 3.86 27.45 -29.03
N GLU A 73 2.95 27.28 -30.01
CA GLU A 73 1.86 28.22 -30.26
C GLU A 73 0.91 28.31 -29.06
N VAL A 74 0.54 27.17 -28.48
CA VAL A 74 -0.36 27.12 -27.32
C VAL A 74 0.34 27.76 -26.08
N LEU A 75 1.60 27.37 -25.81
CA LEU A 75 2.35 27.89 -24.66
C LEU A 75 2.64 29.40 -24.75
N ALA A 76 2.65 29.99 -25.96
CA ALA A 76 2.88 31.43 -26.13
C ALA A 76 1.82 32.25 -25.43
N GLU A 77 0.61 31.68 -25.30
CA GLU A 77 -0.54 32.30 -24.64
C GLU A 77 -0.90 31.62 -23.28
N ALA A 78 0.00 30.77 -22.73
CA ALA A 78 -0.25 30.07 -21.46
C ALA A 78 0.44 30.74 -20.28
N VAL A 79 -0.23 30.81 -19.13
CA VAL A 79 0.33 31.39 -17.91
C VAL A 79 0.87 30.27 -17.05
N MET A 80 2.15 30.38 -16.68
CA MET A 80 2.79 29.40 -15.82
C MET A 80 2.13 29.41 -14.44
N MET A 81 1.82 28.22 -13.91
CA MET A 81 1.32 28.10 -12.53
C MET A 81 2.33 27.23 -11.82
N ARG A 82 3.24 27.87 -11.05
CA ARG A 82 4.36 27.22 -10.35
C ARG A 82 3.93 26.38 -9.17
N GLY A 83 2.82 26.72 -8.54
CA GLY A 83 2.33 25.99 -7.38
C GLY A 83 0.91 26.35 -7.02
N ARG A 84 0.46 25.75 -5.91
CA ARG A 84 -0.86 25.94 -5.32
C ARG A 84 -0.82 27.04 -4.25
N MET A 85 -1.66 28.06 -4.40
CA MET A 85 -1.76 29.14 -3.43
C MET A 85 -3.03 28.93 -2.61
N VAL A 86 -2.87 28.49 -1.33
CA VAL A 86 -4.01 28.22 -0.43
C VAL A 86 -4.40 29.48 0.35
N HIS A 87 -5.70 29.85 0.27
CA HIS A 87 -6.18 31.05 0.96
C HIS A 87 -7.11 30.64 2.08
N VAL A 88 -6.65 30.81 3.30
CA VAL A 88 -7.47 30.54 4.48
C VAL A 88 -7.51 31.86 5.27
N PRO A 89 -8.73 32.40 5.60
CA PRO A 89 -8.79 33.68 6.34
C PRO A 89 -7.96 33.67 7.60
N GLY A 90 -7.25 34.76 7.81
CA GLY A 90 -6.39 34.92 8.97
C GLY A 90 -4.92 34.80 8.59
N THR A 91 -4.57 33.76 7.81
CA THR A 91 -3.19 33.51 7.38
C THR A 91 -2.87 34.17 6.04
N PRO A 92 -1.59 34.58 5.79
CA PRO A 92 -1.26 35.12 4.47
C PRO A 92 -1.28 33.96 3.48
N PRO A 93 -1.47 34.19 2.16
CA PRO A 93 -1.50 33.05 1.23
C PRO A 93 -0.17 32.28 1.24
N ASN A 94 -0.24 30.94 1.32
CA ASN A 94 0.94 30.07 1.34
C ASN A 94 1.12 29.31 0.00
N LEU A 95 2.28 29.56 -0.67
CA LEU A 95 2.60 28.93 -1.96
C LEU A 95 3.29 27.59 -1.80
N GLN A 96 2.63 26.55 -2.28
CA GLN A 96 3.14 25.19 -2.25
C GLN A 96 3.57 24.85 -3.69
N PRO A 97 4.89 24.93 -4.00
CA PRO A 97 5.35 24.59 -5.37
C PRO A 97 4.95 23.17 -5.76
N TYR A 98 4.54 23.02 -7.03
CA TYR A 98 4.08 21.74 -7.57
C TYR A 98 5.24 20.79 -7.85
N GLY A 99 6.37 21.35 -8.27
CA GLY A 99 7.52 20.55 -8.63
C GLY A 99 8.84 21.07 -8.14
N ARG A 100 9.92 20.41 -8.61
CA ARG A 100 11.32 20.66 -8.26
C ARG A 100 11.88 21.98 -8.83
N ASP A 101 11.38 22.43 -10.00
CA ASP A 101 11.81 23.67 -10.66
C ASP A 101 10.73 24.15 -11.66
N ASP A 102 11.06 25.12 -12.52
CA ASP A 102 10.09 25.67 -13.46
C ASP A 102 9.78 24.78 -14.67
N SER A 103 10.41 23.59 -14.77
CA SER A 103 10.08 22.61 -15.82
C SER A 103 8.86 21.80 -15.32
N GLU A 104 8.66 21.77 -13.99
CA GLU A 104 7.53 21.05 -13.40
C GLU A 104 6.50 22.05 -12.90
N VAL A 105 5.71 22.54 -13.85
CA VAL A 105 4.67 23.53 -13.62
C VAL A 105 3.46 23.10 -14.46
N ILE A 106 2.34 23.74 -14.23
CA ILE A 106 1.15 23.55 -15.05
C ILE A 106 0.88 24.89 -15.72
N TRP A 107 0.08 24.87 -16.79
CA TRP A 107 -0.17 26.04 -17.60
C TRP A 107 -1.64 26.39 -17.66
N SER A 108 -1.95 27.65 -17.41
CA SER A 108 -3.32 28.13 -17.55
C SER A 108 -3.50 28.63 -19.00
N ILE A 109 -4.40 28.00 -19.74
CA ILE A 109 -4.65 28.35 -21.15
C ILE A 109 -6.10 28.71 -21.35
N ASN A 110 -6.39 29.72 -22.20
CA ASN A 110 -7.78 30.05 -22.53
C ASN A 110 -8.33 28.94 -23.42
N ARG A 111 -9.48 28.36 -23.03
CA ARG A 111 -10.09 27.23 -23.74
C ARG A 111 -10.37 27.55 -25.22
N ASP A 112 -10.95 28.71 -25.46
CA ASP A 112 -11.32 29.16 -26.81
C ASP A 112 -10.08 29.34 -27.67
N ARG A 113 -9.02 29.94 -27.11
CA ARG A 113 -7.75 30.15 -27.81
C ARG A 113 -7.14 28.78 -28.21
N LEU A 114 -7.13 27.81 -27.25
CA LEU A 114 -6.64 26.45 -27.55
C LEU A 114 -7.46 25.84 -28.69
N ASN A 115 -8.79 25.93 -28.63
CA ASN A 115 -9.68 25.38 -29.66
C ASN A 115 -9.41 25.99 -31.05
N ARG A 116 -9.15 27.31 -31.10
CA ARG A 116 -8.85 28.00 -32.37
C ARG A 116 -7.53 27.53 -32.98
N ILE A 117 -6.50 27.35 -32.13
CA ILE A 117 -5.19 26.88 -32.59
C ILE A 117 -5.34 25.45 -33.16
N LEU A 118 -6.10 24.59 -32.45
CA LEU A 118 -6.34 23.21 -32.91
C LEU A 118 -7.11 23.20 -34.22
N LEU A 119 -8.15 24.06 -34.37
CA LEU A 119 -8.92 24.16 -35.61
C LEU A 119 -8.03 24.53 -36.78
N ASP A 120 -7.20 25.56 -36.60
CA ASP A 120 -6.22 26.00 -37.61
C ASP A 120 -5.27 24.86 -37.98
N GLY A 121 -4.81 24.13 -36.95
CA GLY A 121 -3.92 22.99 -37.10
C GLY A 121 -4.52 21.85 -37.91
N ALA A 122 -5.79 21.51 -37.64
CA ALA A 122 -6.50 20.44 -38.36
C ALA A 122 -6.69 20.80 -39.82
N GLU A 123 -7.07 22.06 -40.09
CA GLU A 123 -7.23 22.53 -41.49
C GLU A 123 -5.90 22.62 -42.22
N ALA A 124 -4.83 23.06 -41.53
CA ALA A 124 -3.49 23.10 -42.13
C ALA A 124 -3.03 21.70 -42.58
N ALA A 125 -3.38 20.65 -41.80
CA ALA A 125 -3.05 19.25 -42.11
C ALA A 125 -3.92 18.63 -43.24
N GLY A 126 -4.98 19.35 -43.64
CA GLY A 126 -5.87 18.93 -44.72
C GLY A 126 -7.27 18.47 -44.32
N ALA A 127 -7.61 18.52 -43.02
CA ALA A 127 -8.96 18.11 -42.60
C ALA A 127 -10.01 19.15 -43.04
N SER A 128 -11.23 18.69 -43.36
CA SER A 128 -12.36 19.56 -43.73
C SER A 128 -13.26 19.67 -42.52
N ILE A 129 -13.51 20.90 -42.06
CA ILE A 129 -14.34 21.14 -40.88
C ILE A 129 -15.67 21.78 -41.28
N HIS A 130 -16.75 21.16 -40.84
CA HIS A 130 -18.12 21.57 -41.15
C HIS A 130 -18.82 21.95 -39.85
N PHE A 131 -19.08 23.24 -39.68
CA PHE A 131 -19.69 23.76 -38.45
C PHE A 131 -21.21 23.88 -38.59
N ASN A 132 -21.90 24.22 -37.49
CA ASN A 132 -23.36 24.39 -37.44
C ASN A 132 -24.11 23.12 -37.84
N LEU A 133 -23.50 21.96 -37.56
CA LEU A 133 -24.09 20.65 -37.89
C LEU A 133 -23.92 19.72 -36.72
N GLY A 134 -25.03 19.44 -36.05
CA GLY A 134 -25.03 18.57 -34.87
C GLY A 134 -25.51 17.18 -35.22
N LEU A 135 -24.78 16.16 -34.78
CA LEU A 135 -25.18 14.78 -35.01
C LEU A 135 -26.47 14.45 -34.23
N ASP A 136 -27.49 13.96 -34.94
CA ASP A 136 -28.80 13.55 -34.35
C ASP A 136 -28.90 12.06 -34.17
N SER A 137 -28.47 11.28 -35.19
CA SER A 137 -28.59 9.81 -35.15
C SER A 137 -27.65 9.17 -36.11
N VAL A 138 -27.41 7.87 -35.90
CA VAL A 138 -26.55 7.03 -36.72
C VAL A 138 -27.32 5.76 -37.11
N ASP A 139 -27.22 5.38 -38.38
CA ASP A 139 -27.76 4.12 -38.87
C ASP A 139 -26.51 3.29 -39.16
N PHE A 140 -26.10 2.44 -38.20
CA PHE A 140 -24.90 1.60 -38.32
C PHE A 140 -24.96 0.57 -39.48
N ALA A 141 -26.12 -0.05 -39.69
CA ALA A 141 -26.32 -1.05 -40.76
C ALA A 141 -26.10 -0.42 -42.15
N ARG A 142 -26.68 0.76 -42.38
CA ARG A 142 -26.56 1.47 -43.66
C ARG A 142 -25.34 2.38 -43.75
N GLN A 143 -24.61 2.55 -42.64
CA GLN A 143 -23.40 3.40 -42.61
C GLN A 143 -23.75 4.86 -42.99
N ARG A 144 -24.84 5.36 -42.41
CA ARG A 144 -25.30 6.71 -42.67
C ARG A 144 -25.57 7.41 -41.36
N LEU A 145 -25.39 8.71 -41.38
CA LEU A 145 -25.70 9.50 -40.20
C LEU A 145 -26.56 10.70 -40.57
N THR A 146 -27.28 11.23 -39.58
CA THR A 146 -28.13 12.39 -39.78
C THR A 146 -27.63 13.51 -38.89
N LEU A 147 -27.38 14.65 -39.52
CA LEU A 147 -26.97 15.87 -38.85
C LEU A 147 -28.04 16.91 -39.04
N SER A 148 -28.05 17.95 -38.20
CA SER A 148 -28.97 19.09 -38.39
C SER A 148 -28.41 20.38 -37.82
N ASN A 149 -28.82 21.53 -38.40
CA ASN A 149 -28.44 22.83 -37.84
C ASN A 149 -29.36 23.15 -36.64
N VAL A 150 -29.21 24.33 -36.02
CA VAL A 150 -30.03 24.77 -34.89
C VAL A 150 -31.56 24.81 -35.25
N SER A 151 -31.88 25.10 -36.53
CA SER A 151 -33.23 25.18 -37.09
C SER A 151 -33.84 23.79 -37.33
N GLY A 152 -33.06 22.73 -37.10
CA GLY A 152 -33.49 21.35 -37.30
C GLY A 152 -33.45 20.88 -38.74
N GLU A 153 -32.96 21.73 -39.69
CA GLU A 153 -32.82 21.38 -41.12
C GLU A 153 -31.82 20.23 -41.21
N ARG A 154 -32.27 19.06 -41.70
CA ARG A 154 -31.47 17.83 -41.71
C ARG A 154 -30.58 17.63 -42.93
N LEU A 155 -29.45 16.96 -42.69
CA LEU A 155 -28.48 16.56 -43.71
C LEU A 155 -28.01 15.13 -43.42
N GLU A 156 -28.08 14.24 -44.41
CA GLU A 156 -27.62 12.86 -44.28
C GLU A 156 -26.28 12.69 -44.96
N LYS A 157 -25.37 11.95 -44.30
CA LYS A 157 -24.04 11.68 -44.83
C LYS A 157 -23.66 10.22 -44.67
N ARG A 158 -22.95 9.67 -45.64
CA ARG A 158 -22.42 8.32 -45.56
C ARG A 158 -21.10 8.41 -44.71
N PHE A 159 -20.75 7.34 -43.99
CA PHE A 159 -19.48 7.27 -43.23
C PHE A 159 -18.84 5.89 -43.38
N HIS A 160 -17.51 5.81 -43.19
CA HIS A 160 -16.72 4.59 -43.24
C HIS A 160 -16.26 4.24 -41.82
N LEU A 161 -15.73 5.24 -41.12
CA LEU A 161 -15.28 5.14 -39.74
C LEU A 161 -15.78 6.39 -39.02
N LEU A 162 -16.41 6.16 -37.88
CA LEU A 162 -16.99 7.22 -37.09
C LEU A 162 -16.25 7.40 -35.75
N ILE A 163 -15.76 8.61 -35.48
CA ILE A 163 -15.09 8.91 -34.21
C ILE A 163 -15.97 9.87 -33.43
N GLY A 164 -16.39 9.41 -32.26
CA GLY A 164 -17.17 10.22 -31.32
C GLY A 164 -16.29 11.01 -30.39
N ALA A 165 -16.01 12.28 -30.76
CA ALA A 165 -15.20 13.19 -29.94
C ALA A 165 -16.13 14.35 -29.52
N ASP A 166 -17.39 13.99 -29.27
CA ASP A 166 -18.47 14.94 -29.06
C ASP A 166 -18.85 15.20 -27.59
N GLY A 167 -17.89 15.11 -26.69
CA GLY A 167 -18.09 15.54 -25.32
C GLY A 167 -18.88 14.63 -24.39
N CYS A 168 -19.09 15.12 -23.16
CA CYS A 168 -19.69 14.34 -22.10
C CYS A 168 -21.12 13.88 -22.39
N ASN A 169 -21.87 14.63 -23.24
CA ASN A 169 -23.24 14.28 -23.64
C ASN A 169 -23.27 13.79 -25.08
N SER A 170 -22.21 13.07 -25.46
CA SER A 170 -21.98 12.47 -26.78
C SER A 170 -23.23 11.89 -27.46
N ALA A 171 -23.54 12.39 -28.67
CA ALA A 171 -24.64 11.85 -29.47
C ALA A 171 -24.14 10.52 -30.10
N VAL A 172 -22.80 10.40 -30.38
CA VAL A 172 -22.26 9.16 -30.95
C VAL A 172 -22.45 8.02 -29.93
N ARG A 173 -22.15 8.32 -28.65
CA ARG A 173 -22.30 7.32 -27.57
C ARG A 173 -23.76 6.87 -27.47
N GLN A 174 -24.71 7.82 -27.54
CA GLN A 174 -26.13 7.52 -27.46
C GLN A 174 -26.54 6.63 -28.63
N ALA A 175 -26.04 6.91 -29.85
CA ALA A 175 -26.34 6.10 -31.04
C ALA A 175 -25.78 4.66 -30.90
N MET A 176 -24.54 4.50 -30.39
CA MET A 176 -23.89 3.21 -30.17
C MET A 176 -24.71 2.34 -29.20
N ALA A 177 -25.28 2.98 -28.14
CA ALA A 177 -26.11 2.30 -27.13
C ALA A 177 -27.39 1.64 -27.68
N SER A 178 -27.77 1.91 -28.97
CA SER A 178 -28.90 1.28 -29.66
C SER A 178 -28.48 -0.01 -30.41
N VAL A 179 -27.15 -0.25 -30.60
CA VAL A 179 -26.65 -1.41 -31.32
C VAL A 179 -25.82 -2.33 -30.42
N VAL A 180 -25.23 -1.80 -29.35
CA VAL A 180 -24.40 -2.56 -28.40
C VAL A 180 -24.69 -2.11 -26.96
N ASP A 181 -24.56 -3.03 -26.01
CA ASP A 181 -24.70 -2.68 -24.60
C ASP A 181 -23.32 -2.14 -24.23
N LEU A 182 -23.26 -0.84 -23.91
CA LEU A 182 -21.98 -0.20 -23.58
C LEU A 182 -21.57 -0.44 -22.13
N GLY A 183 -22.46 -1.06 -21.35
CA GLY A 183 -22.26 -1.36 -19.93
C GLY A 183 -21.91 -0.10 -19.16
N GLU A 184 -22.70 0.97 -19.37
CA GLU A 184 -22.50 2.30 -18.78
C GLU A 184 -22.92 2.32 -17.32
N HIS A 185 -22.14 3.02 -16.52
CA HIS A 185 -22.42 3.26 -15.10
C HIS A 185 -22.23 4.78 -14.87
N LEU A 186 -23.33 5.48 -14.53
CA LEU A 186 -23.28 6.91 -14.27
C LEU A 186 -23.22 7.16 -12.78
N GLU A 187 -22.21 7.93 -12.35
CA GLU A 187 -22.06 8.31 -10.96
C GLU A 187 -22.19 9.83 -10.91
N THR A 188 -23.37 10.29 -10.45
CA THR A 188 -23.66 11.71 -10.32
C THR A 188 -22.76 12.29 -9.26
N GLN A 189 -22.42 13.58 -9.43
CA GLN A 189 -21.58 14.25 -8.46
C GLN A 189 -22.42 15.34 -7.81
N PRO A 190 -22.45 15.41 -6.46
CA PRO A 190 -23.35 16.37 -5.81
C PRO A 190 -22.99 17.85 -6.01
N HIS A 191 -21.74 18.18 -6.37
CA HIS A 191 -21.35 19.57 -6.57
C HIS A 191 -21.72 20.10 -7.93
N GLY A 192 -22.30 21.29 -7.94
CA GLY A 192 -22.48 22.08 -9.13
C GLY A 192 -21.31 23.04 -9.20
N TYR A 193 -21.22 23.83 -10.26
CA TYR A 193 -20.17 24.85 -10.37
C TYR A 193 -20.70 26.11 -11.01
N LYS A 194 -20.13 27.22 -10.60
CA LYS A 194 -20.48 28.54 -11.10
C LYS A 194 -19.17 29.30 -11.39
N GLU A 195 -19.08 29.86 -12.59
CA GLU A 195 -17.94 30.64 -13.06
C GLU A 195 -18.16 32.14 -12.79
N LEU A 196 -17.17 32.76 -12.13
CA LEU A 196 -17.16 34.16 -11.71
C LEU A 196 -15.86 34.78 -12.20
N GLN A 197 -15.76 36.13 -12.20
CA GLN A 197 -14.56 36.78 -12.74
C GLN A 197 -13.89 37.73 -11.77
N ILE A 198 -12.55 37.84 -11.88
CA ILE A 198 -11.75 38.84 -11.17
C ILE A 198 -11.11 39.62 -12.30
N THR A 199 -11.30 40.93 -12.32
CA THR A 199 -10.75 41.79 -13.37
C THR A 199 -9.23 41.98 -13.15
N PRO A 200 -8.49 42.43 -14.20
CA PRO A 200 -7.05 42.73 -14.01
C PRO A 200 -6.79 43.80 -12.95
N GLU A 201 -7.67 44.83 -12.85
CA GLU A 201 -7.52 45.91 -11.85
C GLU A 201 -7.64 45.34 -10.44
N ALA A 202 -8.69 44.52 -10.20
CA ALA A 202 -8.97 43.93 -8.90
C ALA A 202 -7.87 42.96 -8.48
N SER A 203 -7.40 42.06 -9.39
CA SER A 203 -6.33 41.13 -9.01
C SER A 203 -5.04 41.89 -8.62
N ALA A 204 -4.68 42.97 -9.35
CA ALA A 204 -3.48 43.77 -9.06
C ALA A 204 -3.62 44.52 -7.73
N GLN A 205 -4.81 45.12 -7.47
CA GLN A 205 -5.13 45.88 -6.25
C GLN A 205 -4.97 44.99 -5.00
N PHE A 206 -5.45 43.75 -5.07
CA PHE A 206 -5.39 42.79 -3.96
C PHE A 206 -4.14 41.88 -3.98
N ASN A 207 -3.17 42.16 -4.89
CA ASN A 207 -1.89 41.44 -5.01
C ASN A 207 -2.05 39.92 -5.21
N LEU A 208 -2.97 39.53 -6.08
CA LEU A 208 -3.22 38.12 -6.34
C LEU A 208 -2.14 37.59 -7.29
N GLU A 209 -1.34 36.62 -6.81
CA GLU A 209 -0.21 36.06 -7.57
C GLU A 209 -0.62 35.51 -8.95
N PRO A 210 -0.12 36.09 -10.07
CA PRO A 210 -0.53 35.57 -11.39
C PRO A 210 0.07 34.21 -11.72
N ASN A 211 1.24 33.85 -11.18
CA ASN A 211 1.88 32.58 -11.57
C ASN A 211 1.63 31.45 -10.57
N ALA A 212 0.33 31.25 -10.22
CA ALA A 212 -0.10 30.22 -9.30
C ALA A 212 -1.55 29.83 -9.57
N LEU A 213 -1.92 28.62 -9.12
CA LEU A 213 -3.28 28.11 -9.12
C LEU A 213 -3.75 28.42 -7.71
N HIS A 214 -4.87 29.14 -7.60
CA HIS A 214 -5.40 29.59 -6.31
C HIS A 214 -6.55 28.75 -5.81
N ILE A 215 -6.52 28.42 -4.50
CA ILE A 215 -7.62 27.66 -3.87
C ILE A 215 -8.12 28.34 -2.59
N TRP A 216 -9.46 28.37 -2.43
CA TRP A 216 -10.11 28.84 -1.22
C TRP A 216 -10.82 27.62 -0.66
N PRO A 217 -10.14 26.76 0.14
CA PRO A 217 -10.81 25.55 0.63
C PRO A 217 -11.89 25.88 1.64
N HIS A 218 -12.96 25.09 1.65
CA HIS A 218 -14.03 25.29 2.65
C HIS A 218 -14.79 23.98 2.92
N GLY A 219 -14.06 22.87 2.94
CA GLY A 219 -14.59 21.53 3.21
C GLY A 219 -15.51 21.01 2.13
N ASP A 220 -16.84 21.06 2.36
CA ASP A 220 -17.85 20.61 1.40
C ASP A 220 -17.97 21.51 0.16
N TYR A 221 -17.42 22.69 0.21
CA TYR A 221 -17.39 23.58 -0.95
C TYR A 221 -16.04 24.28 -1.03
N MET A 222 -15.73 24.88 -2.18
CA MET A 222 -14.46 25.59 -2.38
C MET A 222 -14.52 26.47 -3.63
N CYS A 223 -13.55 27.37 -3.75
CA CYS A 223 -13.34 28.17 -4.95
C CYS A 223 -11.94 27.88 -5.43
N ILE A 224 -11.76 27.94 -6.74
CA ILE A 224 -10.45 27.82 -7.39
C ILE A 224 -10.36 28.96 -8.37
N ALA A 225 -9.15 29.52 -8.53
CA ALA A 225 -8.93 30.57 -9.54
C ALA A 225 -7.70 30.28 -10.38
N LEU A 226 -7.86 30.48 -11.69
CA LEU A 226 -6.79 30.28 -12.66
C LEU A 226 -6.52 31.63 -13.34
N PRO A 227 -5.23 31.98 -13.48
CA PRO A 227 -4.88 33.28 -14.09
C PRO A 227 -5.04 33.31 -15.61
N ASN A 228 -5.18 34.51 -16.13
CA ASN A 228 -5.17 34.78 -17.58
C ASN A 228 -3.97 35.68 -17.87
N LEU A 229 -3.57 35.73 -19.14
CA LEU A 229 -2.47 36.57 -19.65
C LEU A 229 -2.63 38.05 -19.31
N ASP A 230 -3.88 38.55 -19.32
CA ASP A 230 -4.17 39.95 -19.03
C ASP A 230 -4.33 40.23 -17.52
N ARG A 231 -3.96 39.27 -16.62
CA ARG A 231 -4.07 39.39 -15.16
C ARG A 231 -5.51 39.24 -14.63
N SER A 232 -6.49 38.99 -15.51
CA SER A 232 -7.84 38.67 -14.99
C SER A 232 -7.73 37.20 -14.49
N PHE A 233 -8.69 36.78 -13.67
CA PHE A 233 -8.75 35.41 -13.22
C PHE A 233 -10.15 34.91 -13.42
N THR A 234 -10.29 33.61 -13.70
CA THR A 234 -11.61 33.00 -13.70
C THR A 234 -11.70 32.38 -12.29
N VAL A 235 -12.82 32.52 -11.64
CA VAL A 235 -13.00 31.94 -10.30
C VAL A 235 -14.15 30.94 -10.45
N THR A 236 -13.95 29.70 -9.99
CA THR A 236 -15.02 28.73 -10.06
C THR A 236 -15.39 28.27 -8.66
N LEU A 237 -16.65 28.37 -8.35
CA LEU A 237 -17.20 27.92 -7.08
C LEU A 237 -17.74 26.51 -7.29
N PHE A 238 -17.32 25.57 -6.44
CA PHE A 238 -17.85 24.20 -6.42
C PHE A 238 -18.70 24.11 -5.16
N LEU A 239 -19.99 23.80 -5.31
CA LEU A 239 -20.92 23.81 -4.18
C LEU A 239 -22.08 22.85 -4.48
N HIS A 240 -22.55 22.12 -3.45
CA HIS A 240 -23.68 21.18 -3.63
C HIS A 240 -24.88 21.86 -4.30
N HIS A 241 -25.50 21.18 -5.28
CA HIS A 241 -26.74 21.67 -5.91
C HIS A 241 -27.83 21.83 -4.85
N GLN A 242 -27.93 20.83 -3.94
CA GLN A 242 -28.95 20.75 -2.90
C GLN A 242 -28.34 20.39 -1.57
N SER A 243 -28.96 20.85 -0.48
CA SER A 243 -28.49 20.52 0.85
C SER A 243 -28.96 19.08 1.17
N PRO A 244 -28.09 18.21 1.75
CA PRO A 244 -28.52 16.84 2.08
C PRO A 244 -29.56 16.80 3.19
N ALA A 245 -30.30 15.69 3.29
CA ALA A 245 -31.32 15.44 4.32
C ALA A 245 -30.73 15.55 5.75
N ALA A 246 -29.53 14.97 5.96
CA ALA A 246 -28.78 14.95 7.23
C ALA A 246 -28.31 16.34 7.69
N GLN A 247 -27.99 17.22 6.74
CA GLN A 247 -27.53 18.59 6.99
C GLN A 247 -28.39 19.62 6.21
N PRO A 248 -29.67 19.88 6.66
CA PRO A 248 -30.53 20.82 5.90
C PRO A 248 -30.03 22.26 5.83
N ALA A 249 -29.32 22.73 6.87
CA ALA A 249 -28.79 24.09 6.95
C ALA A 249 -27.55 24.33 6.09
N SER A 250 -26.82 23.25 5.72
CA SER A 250 -25.59 23.31 4.94
C SER A 250 -25.73 24.07 3.62
N PRO A 251 -24.75 24.93 3.28
CA PRO A 251 -24.85 25.71 2.03
C PRO A 251 -25.03 24.88 0.77
N SER A 252 -25.79 25.43 -0.18
CA SER A 252 -26.05 24.81 -1.48
C SER A 252 -26.53 25.86 -2.48
N PHE A 253 -26.49 25.53 -3.79
CA PHE A 253 -27.01 26.43 -4.84
C PHE A 253 -28.52 26.72 -4.64
N ALA A 254 -29.28 25.72 -4.15
CA ALA A 254 -30.72 25.86 -3.90
C ALA A 254 -31.00 27.01 -2.92
N GLN A 255 -30.10 27.24 -1.95
CA GLN A 255 -30.22 28.32 -0.96
C GLN A 255 -29.85 29.70 -1.53
N LEU A 256 -29.10 29.75 -2.62
CA LEU A 256 -28.66 31.03 -3.22
C LEU A 256 -29.67 31.44 -4.31
N VAL A 257 -30.79 32.03 -3.87
CA VAL A 257 -31.94 32.35 -4.72
C VAL A 257 -31.65 33.39 -5.79
N ASP A 258 -30.70 34.30 -5.54
CA ASP A 258 -30.31 35.34 -6.50
C ASP A 258 -28.86 35.80 -6.24
N GLY A 259 -28.41 36.79 -7.03
CA GLY A 259 -27.07 37.38 -6.94
C GLY A 259 -26.76 37.97 -5.58
N HIS A 260 -27.76 38.63 -4.95
CA HIS A 260 -27.63 39.25 -3.62
C HIS A 260 -27.36 38.21 -2.53
N ALA A 261 -28.05 37.04 -2.62
CA ALA A 261 -27.81 35.92 -1.69
C ALA A 261 -26.37 35.41 -1.90
N ALA A 262 -25.94 35.29 -3.15
CA ALA A 262 -24.59 34.83 -3.45
C ALA A 262 -23.53 35.77 -2.83
N ARG A 263 -23.77 37.10 -2.90
CA ARG A 263 -22.86 38.08 -2.32
C ARG A 263 -22.74 37.91 -0.79
N ARG A 264 -23.86 37.74 -0.08
CA ARG A 264 -23.85 37.55 1.37
C ARG A 264 -23.12 36.25 1.74
N PHE A 265 -23.31 35.20 0.94
CA PHE A 265 -22.64 33.90 1.12
C PHE A 265 -21.10 34.09 0.97
N PHE A 266 -20.66 34.79 -0.08
CA PHE A 266 -19.23 35.05 -0.27
C PHE A 266 -18.64 35.94 0.83
N GLN A 267 -19.38 36.98 1.25
CA GLN A 267 -18.92 37.87 2.33
C GLN A 267 -18.73 37.09 3.63
N ARG A 268 -19.54 36.05 3.87
CA ARG A 268 -19.40 35.29 5.10
C ARG A 268 -18.37 34.16 5.02
N GLN A 269 -18.43 33.40 3.93
CA GLN A 269 -17.61 32.21 3.76
C GLN A 269 -16.28 32.41 3.06
N PHE A 270 -16.19 33.39 2.14
CA PHE A 270 -14.96 33.71 1.41
C PHE A 270 -14.68 35.23 1.56
N PRO A 271 -14.48 35.74 2.81
CA PRO A 271 -14.35 37.20 2.99
C PRO A 271 -13.17 37.86 2.30
N ASP A 272 -12.06 37.14 2.04
CA ASP A 272 -10.90 37.76 1.37
C ASP A 272 -11.07 37.70 -0.16
N LEU A 273 -12.01 36.86 -0.63
CA LEU A 273 -12.29 36.68 -2.06
C LEU A 273 -13.39 37.62 -2.56
N SER A 274 -14.50 37.75 -1.81
CA SER A 274 -15.64 38.63 -2.16
C SER A 274 -15.22 40.05 -2.64
N PRO A 275 -14.29 40.82 -1.98
CA PRO A 275 -13.93 42.16 -2.49
C PRO A 275 -13.31 42.17 -3.88
N MET A 276 -12.75 41.05 -4.31
CA MET A 276 -12.11 40.91 -5.64
C MET A 276 -13.15 40.60 -6.74
N LEU A 277 -14.36 40.16 -6.35
CA LEU A 277 -15.43 39.77 -7.28
C LEU A 277 -16.43 40.93 -7.52
N ASP A 278 -16.05 41.90 -8.36
CA ASP A 278 -16.90 43.07 -8.64
C ASP A 278 -18.24 42.76 -9.29
N SER A 279 -18.29 41.80 -10.22
CA SER A 279 -19.51 41.46 -10.95
C SER A 279 -20.16 40.16 -10.43
N LEU A 280 -19.90 39.82 -9.15
CA LEU A 280 -20.41 38.61 -8.51
C LEU A 280 -21.92 38.43 -8.76
N GLU A 281 -22.73 39.44 -8.44
CA GLU A 281 -24.21 39.38 -8.55
C GLU A 281 -24.67 39.04 -9.97
N GLN A 282 -24.13 39.78 -10.97
CA GLN A 282 -24.45 39.60 -12.39
C GLN A 282 -23.98 38.24 -12.90
N ASP A 283 -22.70 37.86 -12.61
CA ASP A 283 -22.13 36.56 -13.01
C ASP A 283 -22.98 35.43 -12.42
N PHE A 284 -23.35 35.52 -11.15
CA PHE A 284 -24.12 34.48 -10.49
C PHE A 284 -25.46 34.23 -11.19
N GLU A 285 -26.17 35.31 -11.53
CA GLU A 285 -27.49 35.24 -12.16
C GLU A 285 -27.49 34.91 -13.65
N HIS A 286 -26.48 35.38 -14.38
CA HIS A 286 -26.41 35.19 -15.84
C HIS A 286 -25.61 33.97 -16.29
N HIS A 287 -24.69 33.46 -15.44
CA HIS A 287 -23.92 32.27 -15.81
C HIS A 287 -24.68 31.04 -15.26
N PRO A 288 -25.00 30.03 -16.09
CA PRO A 288 -25.73 28.86 -15.57
C PRO A 288 -24.87 27.97 -14.67
N THR A 289 -25.50 27.25 -13.72
CA THR A 289 -24.81 26.33 -12.81
C THR A 289 -24.52 25.05 -13.58
N GLY A 290 -23.25 24.69 -13.65
CA GLY A 290 -22.78 23.50 -14.35
C GLY A 290 -22.97 22.23 -13.54
N LYS A 291 -23.03 21.10 -14.24
CA LYS A 291 -23.23 19.77 -13.68
C LYS A 291 -21.95 18.93 -13.86
N LEU A 292 -21.61 18.12 -12.87
CA LEU A 292 -20.40 17.28 -12.87
C LEU A 292 -20.82 15.82 -12.72
N ALA A 293 -20.05 14.90 -13.35
CA ALA A 293 -20.37 13.47 -13.24
C ALA A 293 -19.19 12.60 -13.63
N THR A 294 -19.24 11.32 -13.27
CA THR A 294 -18.28 10.33 -13.70
C THR A 294 -19.11 9.26 -14.44
N LEU A 295 -18.71 8.95 -15.66
CA LEU A 295 -19.42 7.95 -16.45
C LEU A 295 -18.41 6.94 -16.93
N ARG A 296 -18.62 5.67 -16.57
CA ARG A 296 -17.74 4.55 -16.90
C ARG A 296 -18.43 3.62 -17.89
N LEU A 297 -17.74 3.27 -18.98
CA LEU A 297 -18.29 2.35 -19.99
C LEU A 297 -17.42 1.13 -20.10
N THR A 298 -18.04 -0.02 -20.27
CA THR A 298 -17.37 -1.30 -20.47
C THR A 298 -16.84 -1.35 -21.92
N THR A 299 -17.62 -0.78 -22.85
CA THR A 299 -17.37 -0.78 -24.29
C THR A 299 -17.23 0.65 -24.86
N TRP A 300 -16.16 0.92 -25.63
CA TRP A 300 -15.93 2.22 -26.29
C TRP A 300 -16.09 2.17 -27.82
N HIS A 301 -16.35 0.98 -28.38
CA HIS A 301 -16.44 0.85 -29.83
C HIS A 301 -17.48 -0.13 -30.31
N VAL A 302 -17.89 0.02 -31.58
CA VAL A 302 -18.82 -0.89 -32.29
C VAL A 302 -18.02 -1.43 -33.47
N GLY A 303 -17.52 -2.66 -33.32
CA GLY A 303 -16.69 -3.31 -34.32
C GLY A 303 -15.57 -2.40 -34.81
N GLY A 304 -15.47 -2.24 -36.12
CA GLY A 304 -14.54 -1.31 -36.74
C GLY A 304 -15.24 -0.07 -37.24
N GLN A 305 -16.52 0.10 -36.86
CA GLN A 305 -17.38 1.19 -37.34
C GLN A 305 -17.29 2.51 -36.60
N ALA A 306 -17.23 2.44 -35.27
CA ALA A 306 -17.26 3.66 -34.47
C ALA A 306 -16.49 3.48 -33.19
N VAL A 307 -15.94 4.58 -32.67
CA VAL A 307 -15.19 4.59 -31.40
C VAL A 307 -15.41 5.92 -30.69
N LEU A 308 -15.31 5.90 -29.36
CA LEU A 308 -15.44 7.07 -28.53
C LEU A 308 -14.06 7.42 -27.96
N LEU A 309 -13.82 8.71 -27.73
CA LEU A 309 -12.61 9.16 -27.05
C LEU A 309 -12.88 10.45 -26.28
N GLY A 310 -12.00 10.77 -25.35
CA GLY A 310 -12.12 11.96 -24.50
C GLY A 310 -13.35 11.88 -23.60
N ASP A 311 -14.03 13.02 -23.44
CA ASP A 311 -15.25 13.12 -22.62
C ASP A 311 -16.39 12.23 -23.11
N ALA A 312 -16.47 11.95 -24.43
CA ALA A 312 -17.49 11.04 -24.96
C ALA A 312 -17.33 9.62 -24.35
N ALA A 313 -16.07 9.20 -24.11
CA ALA A 313 -15.76 7.88 -23.56
C ALA A 313 -15.74 7.82 -22.05
N HIS A 314 -15.22 8.87 -21.42
CA HIS A 314 -15.00 8.79 -19.98
C HIS A 314 -15.18 10.13 -19.24
N PRO A 315 -16.41 10.67 -19.17
CA PRO A 315 -16.61 11.90 -18.37
C PRO A 315 -16.04 11.69 -16.97
N MET A 316 -15.36 12.71 -16.46
CA MET A 316 -14.76 12.66 -15.12
C MET A 316 -14.96 13.99 -14.40
N VAL A 317 -14.85 13.96 -13.08
CA VAL A 317 -14.92 15.17 -12.26
C VAL A 317 -13.62 15.98 -12.49
N PRO A 318 -13.68 17.34 -12.42
CA PRO A 318 -12.49 18.15 -12.79
C PRO A 318 -11.46 18.45 -11.72
N PHE A 319 -11.51 17.73 -10.60
CA PHE A 319 -10.67 18.04 -9.45
C PHE A 319 -9.18 17.72 -9.57
N HIS A 320 -8.74 17.11 -10.69
CA HIS A 320 -7.32 16.91 -10.92
C HIS A 320 -6.84 17.71 -12.14
N GLY A 321 -7.74 18.41 -12.83
CA GLY A 321 -7.40 19.16 -14.05
C GLY A 321 -6.79 18.24 -15.10
N GLN A 322 -7.36 17.03 -15.27
CA GLN A 322 -6.79 16.06 -16.19
C GLN A 322 -7.71 15.64 -17.35
N GLY A 323 -8.96 16.10 -17.38
CA GLY A 323 -9.90 15.76 -18.45
C GLY A 323 -9.38 16.08 -19.85
N MET A 324 -8.99 17.33 -20.09
CA MET A 324 -8.42 17.74 -21.38
C MET A 324 -7.09 17.00 -21.62
N ASN A 325 -6.24 16.89 -20.58
CA ASN A 325 -4.94 16.21 -20.67
C ASN A 325 -5.12 14.74 -21.11
N CYS A 326 -6.11 14.04 -20.51
CA CYS A 326 -6.46 12.67 -20.85
C CYS A 326 -7.04 12.64 -22.28
N ALA A 327 -7.92 13.60 -22.66
CA ALA A 327 -8.56 13.64 -24.00
C ALA A 327 -7.49 13.79 -25.11
N LEU A 328 -6.48 14.62 -24.87
CA LEU A 328 -5.39 14.83 -25.84
C LEU A 328 -4.48 13.59 -25.93
N GLU A 329 -4.21 12.95 -24.77
CA GLU A 329 -3.44 11.71 -24.69
C GLU A 329 -4.21 10.61 -25.50
N ASP A 330 -5.57 10.54 -25.34
CA ASP A 330 -6.44 9.61 -26.08
C ASP A 330 -6.30 9.80 -27.59
N ALA A 331 -6.33 11.07 -28.05
CA ALA A 331 -6.23 11.41 -29.48
C ALA A 331 -4.97 10.87 -30.11
N VAL A 332 -3.82 10.98 -29.41
CA VAL A 332 -2.52 10.48 -29.87
C VAL A 332 -2.59 8.96 -30.03
N ALA A 333 -3.06 8.26 -28.96
CA ALA A 333 -3.19 6.81 -28.91
C ALA A 333 -4.10 6.33 -30.06
N LEU A 334 -5.26 6.98 -30.23
CA LEU A 334 -6.21 6.60 -31.29
C LEU A 334 -5.60 6.76 -32.69
N ALA A 335 -4.95 7.90 -32.95
CA ALA A 335 -4.33 8.14 -34.26
C ALA A 335 -3.24 7.11 -34.54
N GLU A 336 -2.44 6.74 -33.52
CA GLU A 336 -1.36 5.75 -33.63
C GLU A 336 -1.91 4.35 -33.96
N HIS A 337 -2.95 3.92 -33.24
CA HIS A 337 -3.58 2.60 -33.45
C HIS A 337 -4.22 2.53 -34.85
N LEU A 338 -4.97 3.58 -35.25
CA LEU A 338 -5.62 3.64 -36.56
C LEU A 338 -4.62 3.64 -37.71
N GLN A 339 -3.52 4.38 -37.53
CA GLN A 339 -2.51 4.48 -38.58
C GLN A 339 -1.82 3.17 -38.91
N SER A 340 -1.48 2.38 -37.86
CA SER A 340 -0.66 1.17 -37.97
CA SER A 340 -0.67 1.17 -38.01
C SER A 340 -1.37 -0.18 -37.92
N ALA A 341 -2.68 -0.22 -37.60
CA ALA A 341 -3.37 -1.52 -37.48
C ALA A 341 -3.64 -2.22 -38.80
N ALA A 342 -3.93 -3.55 -38.70
CA ALA A 342 -4.27 -4.38 -39.86
C ALA A 342 -5.57 -3.89 -40.51
N ASP A 343 -6.51 -3.43 -39.69
CA ASP A 343 -7.84 -2.94 -40.07
C ASP A 343 -8.41 -2.09 -38.91
N ASN A 344 -9.52 -1.38 -39.19
CA ASN A 344 -10.14 -0.52 -38.19
C ASN A 344 -10.64 -1.29 -36.97
N ALA A 345 -11.21 -2.52 -37.18
CA ALA A 345 -11.73 -3.33 -36.07
C ALA A 345 -10.63 -3.64 -35.05
N SER A 346 -9.44 -4.06 -35.53
CA SER A 346 -8.25 -4.34 -34.71
C SER A 346 -7.76 -3.08 -34.01
N ALA A 347 -7.72 -1.93 -34.72
CA ALA A 347 -7.29 -0.64 -34.16
C ALA A 347 -8.19 -0.22 -32.99
N LEU A 348 -9.51 -0.29 -33.18
CA LEU A 348 -10.49 0.14 -32.17
C LEU A 348 -10.44 -0.73 -30.92
N ALA A 349 -10.32 -2.05 -31.08
CA ALA A 349 -10.25 -2.98 -29.96
C ALA A 349 -8.95 -2.77 -29.16
N ALA A 350 -7.81 -2.58 -29.85
CA ALA A 350 -6.51 -2.35 -29.20
C ALA A 350 -6.49 -0.98 -28.48
N PHE A 351 -7.07 0.04 -29.12
CA PHE A 351 -7.16 1.38 -28.50
C PHE A 351 -7.95 1.27 -27.19
N THR A 352 -9.13 0.63 -27.25
CA THR A 352 -10.01 0.44 -26.08
C THR A 352 -9.29 -0.34 -24.98
N ALA A 353 -8.62 -1.45 -25.35
CA ALA A 353 -7.91 -2.31 -24.38
C ALA A 353 -6.78 -1.53 -23.67
N GLN A 354 -6.06 -0.68 -24.41
CA GLN A 354 -4.96 0.11 -23.85
C GLN A 354 -5.46 1.25 -22.92
N ARG A 355 -6.45 2.03 -23.38
CA ARG A 355 -6.88 3.24 -22.69
C ARG A 355 -7.89 3.08 -21.55
N GLN A 356 -8.79 2.08 -21.63
CA GLN A 356 -9.81 1.84 -20.59
C GLN A 356 -9.26 1.73 -19.15
N PRO A 357 -8.22 0.90 -18.85
CA PRO A 357 -7.69 0.87 -17.46
C PRO A 357 -7.16 2.22 -16.98
N ASP A 358 -6.52 2.98 -17.88
CA ASP A 358 -5.98 4.31 -17.56
C ASP A 358 -7.08 5.34 -17.32
N ALA A 359 -8.15 5.38 -18.18
CA ALA A 359 -9.30 6.27 -17.98
C ALA A 359 -9.94 5.98 -16.59
N LEU A 360 -10.12 4.69 -16.20
CA LEU A 360 -10.69 4.33 -14.90
C LEU A 360 -9.83 4.86 -13.73
N ALA A 361 -8.49 4.73 -13.85
CA ALA A 361 -7.54 5.20 -12.82
C ALA A 361 -7.62 6.72 -12.62
N ILE A 362 -7.61 7.51 -13.72
CA ILE A 362 -7.70 8.97 -13.62
C ILE A 362 -9.10 9.38 -13.10
N GLN A 363 -10.18 8.67 -13.49
CA GLN A 363 -11.51 8.98 -12.94
C GLN A 363 -11.51 8.84 -11.41
N ALA A 364 -10.90 7.76 -10.89
CA ALA A 364 -10.80 7.51 -9.43
C ALA A 364 -9.90 8.54 -8.74
N MET A 365 -8.74 8.87 -9.34
CA MET A 365 -7.81 9.84 -8.78
C MET A 365 -8.41 11.26 -8.78
N ALA A 366 -9.20 11.61 -9.83
CA ALA A 366 -9.86 12.91 -9.90
C ALA A 366 -10.89 13.06 -8.75
N LEU A 367 -11.66 11.99 -8.47
CA LEU A 367 -12.61 12.00 -7.35
C LEU A 367 -11.87 12.16 -6.01
N GLU A 368 -10.76 11.43 -5.81
CA GLU A 368 -9.92 11.50 -4.59
C GLU A 368 -9.28 12.89 -4.38
N ASN A 369 -8.94 13.61 -5.47
CA ASN A 369 -8.29 14.89 -5.37
C ASN A 369 -9.16 16.01 -4.77
N TYR A 370 -10.50 15.83 -4.72
CA TYR A 370 -11.37 16.84 -4.12
C TYR A 370 -11.00 17.08 -2.65
N VAL A 371 -10.91 15.98 -1.86
CA VAL A 371 -10.57 16.11 -0.43
C VAL A 371 -9.17 16.70 -0.23
N GLU A 372 -8.24 16.43 -1.18
CA GLU A 372 -6.89 16.98 -1.16
C GLU A 372 -6.91 18.51 -1.22
N MET A 373 -7.74 19.07 -2.10
CA MET A 373 -7.86 20.52 -2.29
C MET A 373 -8.75 21.23 -1.27
N SER A 374 -9.94 20.69 -1.02
CA SER A 374 -10.96 21.35 -0.24
C SER A 374 -10.84 21.29 1.27
N SER A 375 -9.96 20.44 1.81
CA SER A 375 -9.80 20.35 3.27
C SER A 375 -8.62 21.16 3.75
N SER A 379 -4.28 18.92 9.03
CA SER A 379 -4.17 17.76 9.92
C SER A 379 -2.75 17.60 10.50
N PRO A 380 -2.60 17.23 11.80
CA PRO A 380 -1.24 17.07 12.36
C PRO A 380 -0.49 15.87 11.80
N THR A 381 -1.19 14.75 11.55
CA THR A 381 -0.60 13.51 11.01
C THR A 381 -0.22 13.64 9.52
N TYR A 382 -0.99 14.42 8.75
CA TYR A 382 -0.76 14.62 7.32
C TYR A 382 0.48 15.46 7.02
N LEU A 383 0.87 16.39 7.92
CA LEU A 383 2.08 17.21 7.79
C LEU A 383 3.34 16.34 8.05
N LEU A 384 3.23 15.38 8.99
CA LEU A 384 4.30 14.43 9.34
C LEU A 384 4.53 13.49 8.15
N GLU A 385 3.42 13.05 7.51
CA GLU A 385 3.42 12.21 6.30
C GLU A 385 4.14 12.90 5.17
N ARG A 386 3.77 14.17 4.88
CA ARG A 386 4.38 14.96 3.82
C ARG A 386 5.89 15.14 4.04
N GLU A 387 6.30 15.46 5.31
CA GLU A 387 7.70 15.63 5.73
C GLU A 387 8.48 14.33 5.44
N LEU A 388 7.93 13.17 5.87
CA LEU A 388 8.49 11.84 5.63
C LEU A 388 8.56 11.50 4.15
N GLY A 389 7.52 11.84 3.40
CA GLY A 389 7.44 11.66 1.96
C GLY A 389 8.52 12.42 1.21
N GLN A 390 8.87 13.65 1.68
CA GLN A 390 9.91 14.50 1.09
C GLN A 390 11.30 13.88 1.24
N ILE A 391 11.61 13.37 2.46
CA ILE A 391 12.87 12.67 2.78
C ILE A 391 12.99 11.45 1.86
N MET A 392 11.90 10.67 1.73
CA MET A 392 11.87 9.49 0.86
C MET A 392 12.07 9.86 -0.60
N ALA A 393 11.46 10.97 -1.05
CA ALA A 393 11.63 11.48 -2.42
C ALA A 393 13.09 11.92 -2.66
N GLN A 394 13.75 12.49 -1.63
CA GLN A 394 15.16 12.90 -1.68
C GLN A 394 16.08 11.69 -1.74
N ARG A 395 15.84 10.69 -0.86
CA ARG A 395 16.62 9.46 -0.76
C ARG A 395 16.49 8.56 -1.97
N GLN A 396 15.25 8.40 -2.48
CA GLN A 396 14.99 7.54 -3.64
C GLN A 396 14.19 8.30 -4.73
N PRO A 397 14.86 9.22 -5.49
CA PRO A 397 14.14 10.00 -6.51
C PRO A 397 13.57 9.23 -7.71
N THR A 398 14.05 8.00 -7.97
CA THR A 398 13.52 7.18 -9.08
C THR A 398 12.48 6.16 -8.59
N ARG A 399 12.27 6.08 -7.25
CA ARG A 399 11.34 5.14 -6.63
C ARG A 399 10.17 5.88 -5.96
N PHE A 400 10.46 6.93 -5.14
CA PHE A 400 9.44 7.71 -4.42
C PHE A 400 9.11 9.04 -5.13
N ILE A 401 8.14 9.03 -6.08
CA ILE A 401 7.69 10.19 -6.87
C ILE A 401 6.24 10.47 -6.43
N PRO A 402 5.97 11.63 -5.79
CA PRO A 402 4.60 11.91 -5.33
C PRO A 402 3.58 11.70 -6.45
N ARG A 403 2.41 11.12 -6.12
CA ARG A 403 1.34 10.85 -7.08
C ARG A 403 0.99 12.04 -7.97
N TYR A 404 0.87 13.26 -7.36
CA TYR A 404 0.58 14.46 -8.15
C TYR A 404 1.61 14.64 -9.28
N SER A 405 2.92 14.41 -9.00
CA SER A 405 3.99 14.55 -9.99
C SER A 405 3.93 13.51 -11.09
N MET A 406 3.63 12.26 -10.71
CA MET A 406 3.48 11.16 -11.69
C MET A 406 2.29 11.45 -12.66
N VAL A 407 1.17 11.93 -12.11
CA VAL A 407 -0.02 12.27 -12.92
C VAL A 407 0.25 13.52 -13.80
N THR A 408 0.78 14.56 -13.17
CA THR A 408 0.91 15.86 -13.80
C THR A 408 2.14 16.05 -14.69
N PHE A 409 3.33 15.61 -14.23
CA PHE A 409 4.58 15.88 -14.93
C PHE A 409 5.18 14.69 -15.68
N SER A 410 4.50 13.54 -15.65
CA SER A 410 5.01 12.39 -16.39
C SER A 410 3.94 11.80 -17.29
N ARG A 411 4.35 10.91 -18.18
CA ARG A 411 3.45 10.22 -19.08
C ARG A 411 3.27 8.75 -18.66
N LEU A 412 3.61 8.44 -17.40
CA LEU A 412 3.45 7.10 -16.82
C LEU A 412 1.97 6.71 -16.96
N PRO A 413 1.60 5.49 -17.43
CA PRO A 413 0.17 5.14 -17.52
C PRO A 413 -0.55 5.48 -16.21
N TYR A 414 -1.72 6.16 -16.29
CA TYR A 414 -2.49 6.55 -15.09
C TYR A 414 -2.65 5.40 -14.09
N ALA A 415 -2.92 4.16 -14.57
CA ALA A 415 -3.10 2.98 -13.70
C ALA A 415 -1.83 2.67 -12.89
N GLN A 416 -0.65 2.87 -13.50
CA GLN A 416 0.64 2.68 -12.81
C GLN A 416 0.89 3.80 -11.79
N ALA A 417 0.56 5.06 -12.15
CA ALA A 417 0.69 6.22 -11.26
C ALA A 417 -0.21 6.00 -10.03
N MET A 418 -1.43 5.51 -10.26
CA MET A 418 -2.36 5.21 -9.16
C MET A 418 -1.82 4.06 -8.27
N ALA A 419 -1.34 2.96 -8.85
CA ALA A 419 -0.80 1.79 -8.13
C ALA A 419 0.41 2.18 -7.30
N ARG A 420 1.37 2.93 -7.88
CA ARG A 420 2.54 3.42 -7.14
C ARG A 420 2.13 4.41 -6.06
N GLY A 421 1.14 5.26 -6.37
CA GLY A 421 0.61 6.25 -5.43
C GLY A 421 0.01 5.62 -4.19
N GLN A 422 -0.72 4.50 -4.38
CA GLN A 422 -1.35 3.76 -3.29
C GLN A 422 -0.31 3.15 -2.36
N ILE A 423 0.78 2.55 -2.91
CA ILE A 423 1.88 1.96 -2.13
C ILE A 423 2.53 3.06 -1.29
N GLN A 424 2.78 4.25 -1.90
CA GLN A 424 3.39 5.40 -1.22
C GLN A 424 2.53 5.90 -0.08
N GLU A 425 1.21 6.10 -0.35
CA GLU A 425 0.23 6.54 0.64
C GLU A 425 0.15 5.53 1.81
N GLN A 426 0.17 4.22 1.50
CA GLN A 426 0.14 3.16 2.51
C GLN A 426 1.39 3.16 3.35
N LEU A 427 2.58 3.30 2.72
CA LEU A 427 3.88 3.35 3.40
C LEU A 427 3.94 4.50 4.39
N LEU A 428 3.57 5.71 3.95
CA LEU A 428 3.58 6.91 4.79
C LEU A 428 2.63 6.79 5.98
N LYS A 429 1.38 6.35 5.73
CA LYS A 429 0.35 6.16 6.76
C LYS A 429 0.83 5.18 7.83
N PHE A 430 1.34 4.04 7.35
CA PHE A 430 1.80 3.00 8.26
C PHE A 430 2.98 3.49 9.09
N ALA A 431 3.98 4.13 8.44
CA ALA A 431 5.21 4.65 9.06
C ALA A 431 4.97 5.71 10.14
N VAL A 432 4.03 6.64 9.91
CA VAL A 432 3.74 7.70 10.87
C VAL A 432 2.85 7.21 12.01
N ALA A 433 2.06 6.12 11.77
CA ALA A 433 1.17 5.55 12.80
C ALA A 433 1.99 5.05 13.99
N ASN A 434 1.55 5.44 15.21
CA ASN A 434 2.16 5.17 16.52
C ASN A 434 3.38 6.08 16.80
N HIS A 435 3.50 7.19 16.06
CA HIS A 435 4.58 8.17 16.19
C HIS A 435 4.03 9.59 16.11
N SER A 436 4.51 10.49 16.99
CA SER A 436 4.07 11.89 17.05
C SER A 436 5.00 12.82 16.27
N ASP A 437 6.27 12.42 16.09
CA ASP A 437 7.27 13.22 15.39
C ASP A 437 8.28 12.38 14.59
N LEU A 438 8.99 13.05 13.68
CA LEU A 438 9.99 12.51 12.75
C LEU A 438 11.22 11.88 13.45
N THR A 439 11.61 12.41 14.63
CA THR A 439 12.78 11.94 15.37
C THR A 439 12.62 10.52 15.93
N SER A 440 11.36 10.09 16.18
CA SER A 440 11.06 8.74 16.67
C SER A 440 10.90 7.71 15.54
N ILE A 441 10.99 8.15 14.26
CA ILE A 441 10.85 7.25 13.10
C ILE A 441 12.23 6.82 12.54
N ASN A 442 12.43 5.50 12.37
CA ASN A 442 13.63 4.89 11.81
C ASN A 442 13.56 5.04 10.29
N LEU A 443 14.23 6.08 9.75
CA LEU A 443 14.26 6.45 8.34
C LEU A 443 14.78 5.36 7.41
N ASP A 444 15.81 4.61 7.83
CA ASP A 444 16.38 3.54 7.03
C ASP A 444 15.41 2.36 6.86
N ALA A 445 14.59 2.09 7.89
CA ALA A 445 13.57 1.05 7.86
C ALA A 445 12.44 1.41 6.86
N VAL A 446 12.00 2.69 6.82
CA VAL A 446 10.98 3.17 5.89
C VAL A 446 11.55 3.11 4.46
N GLU A 447 12.83 3.51 4.30
CA GLU A 447 13.55 3.50 3.01
C GLU A 447 13.71 2.08 2.47
N HIS A 448 13.93 1.10 3.36
CA HIS A 448 14.03 -0.33 2.99
C HIS A 448 12.68 -0.77 2.37
N GLU A 449 11.55 -0.30 2.93
CA GLU A 449 10.23 -0.61 2.41
C GLU A 449 9.98 0.06 1.05
N VAL A 450 10.61 1.24 0.81
CA VAL A 450 10.54 1.97 -0.47
C VAL A 450 11.26 1.14 -1.57
N THR A 451 12.49 0.67 -1.28
CA THR A 451 13.31 -0.15 -2.18
C THR A 451 12.67 -1.53 -2.42
N ARG A 452 11.93 -2.05 -1.42
CA ARG A 452 11.26 -3.35 -1.52
C ARG A 452 9.98 -3.30 -2.34
N CYS A 453 9.20 -2.20 -2.24
CA CYS A 453 7.87 -2.10 -2.84
C CYS A 453 7.78 -1.26 -4.11
N LEU A 454 8.76 -0.38 -4.36
CA LEU A 454 8.72 0.49 -5.52
C LEU A 454 9.90 0.30 -6.49
N PRO A 455 9.71 -0.44 -7.61
CA PRO A 455 10.81 -0.60 -8.59
C PRO A 455 11.24 0.76 -9.15
N PRO A 456 12.54 0.97 -9.49
CA PRO A 456 12.95 2.29 -10.01
C PRO A 456 12.36 2.57 -11.38
N LEU A 457 12.13 3.85 -11.69
CA LEU A 457 11.57 4.29 -12.96
C LEU A 457 12.64 4.94 -13.82
N ALA B 7 -14.50 -8.39 40.98
CA ALA B 7 -13.32 -8.82 40.21
C ALA B 7 -13.48 -8.47 38.72
N ARG B 8 -12.40 -8.00 38.08
CA ARG B 8 -12.44 -7.67 36.65
C ARG B 8 -12.55 -8.96 35.82
N GLN B 9 -13.30 -8.89 34.73
CA GLN B 9 -13.59 -10.05 33.89
C GLN B 9 -12.90 -9.98 32.55
N VAL B 10 -12.52 -11.16 32.04
CA VAL B 10 -11.89 -11.26 30.74
C VAL B 10 -12.19 -12.62 30.07
N THR B 11 -12.38 -12.56 28.75
CA THR B 11 -12.57 -13.68 27.85
C THR B 11 -11.39 -13.72 26.91
N ILE B 12 -10.75 -14.88 26.84
CA ILE B 12 -9.59 -15.11 26.00
C ILE B 12 -9.93 -16.19 24.98
N ILE B 13 -9.62 -15.92 23.73
CA ILE B 13 -9.81 -16.85 22.63
C ILE B 13 -8.46 -17.43 22.27
N GLY B 14 -8.31 -18.74 22.45
CA GLY B 14 -7.11 -19.47 22.07
C GLY B 14 -6.24 -19.83 23.26
N ALA B 15 -6.27 -21.13 23.64
CA ALA B 15 -5.45 -21.67 24.72
C ALA B 15 -4.13 -22.21 24.12
N GLY B 16 -3.42 -21.33 23.43
CA GLY B 16 -2.12 -21.62 22.84
C GLY B 16 -1.03 -21.18 23.81
N LEU B 17 -0.01 -20.52 23.33
CA LEU B 17 1.06 -20.15 24.22
C LEU B 17 0.82 -18.80 24.91
N ALA B 18 0.48 -17.76 24.12
CA ALA B 18 0.20 -16.44 24.69
C ALA B 18 -1.11 -16.43 25.50
N GLY B 19 -2.16 -17.07 24.99
CA GLY B 19 -3.47 -17.08 25.65
C GLY B 19 -3.46 -17.73 27.02
N THR B 20 -2.77 -18.85 27.14
CA THR B 20 -2.68 -19.59 28.41
C THR B 20 -1.82 -18.87 29.42
N LEU B 21 -0.70 -18.25 28.95
CA LEU B 21 0.15 -17.49 29.85
C LEU B 21 -0.60 -16.27 30.37
N VAL B 22 -1.28 -15.54 29.50
CA VAL B 22 -2.01 -14.34 29.94
C VAL B 22 -3.16 -14.75 30.89
N ALA B 23 -3.81 -15.90 30.63
CA ALA B 23 -4.87 -16.44 31.50
C ALA B 23 -4.32 -16.67 32.94
N ARG B 24 -3.15 -17.32 33.07
CA ARG B 24 -2.53 -17.56 34.39
C ARG B 24 -2.20 -16.24 35.10
N LEU B 25 -1.52 -15.33 34.39
CA LEU B 25 -1.11 -14.04 34.95
C LEU B 25 -2.29 -13.21 35.46
N LEU B 26 -3.37 -13.16 34.69
CA LEU B 26 -4.55 -12.40 35.11
C LEU B 26 -5.31 -13.10 36.25
N ALA B 27 -5.53 -14.41 36.13
CA ALA B 27 -6.25 -15.19 37.15
C ALA B 27 -5.54 -15.15 38.52
N ARG B 28 -4.20 -15.19 38.53
CA ARG B 28 -3.50 -15.12 39.81
C ARG B 28 -3.57 -13.71 40.44
N ASN B 29 -3.88 -12.67 39.62
CA ASN B 29 -4.13 -11.29 40.06
C ASN B 29 -5.62 -11.11 40.42
N GLY B 30 -6.36 -12.20 40.54
CA GLY B 30 -7.78 -12.17 40.92
C GLY B 30 -8.81 -11.89 39.84
N TRP B 31 -8.40 -11.79 38.55
CA TRP B 31 -9.36 -11.60 37.46
C TRP B 31 -10.24 -12.88 37.26
N GLN B 32 -11.50 -12.70 36.82
CA GLN B 32 -12.37 -13.81 36.47
C GLN B 32 -12.02 -14.08 34.99
N VAL B 33 -11.38 -15.24 34.72
CA VAL B 33 -10.86 -15.58 33.39
C VAL B 33 -11.58 -16.80 32.80
N ASN B 34 -12.10 -16.62 31.58
CA ASN B 34 -12.69 -17.70 30.79
C ASN B 34 -11.90 -17.76 29.49
N LEU B 35 -11.33 -18.93 29.23
CA LEU B 35 -10.49 -19.16 28.06
C LEU B 35 -11.18 -20.19 27.16
N PHE B 36 -11.41 -19.81 25.89
CA PHE B 36 -12.06 -20.69 24.91
C PHE B 36 -11.06 -21.22 23.89
N GLU B 37 -11.04 -22.53 23.69
CA GLU B 37 -10.10 -23.18 22.76
C GLU B 37 -10.86 -24.05 21.75
N ARG B 38 -10.56 -23.91 20.45
CA ARG B 38 -11.25 -24.68 19.40
C ARG B 38 -10.90 -26.19 19.49
N ARG B 39 -9.64 -26.50 19.77
CA ARG B 39 -9.17 -27.88 19.84
C ARG B 39 -9.61 -28.63 21.12
N PRO B 40 -9.52 -29.98 21.15
CA PRO B 40 -9.79 -30.69 22.43
C PRO B 40 -8.66 -30.46 23.43
N ASP B 41 -8.88 -30.82 24.70
CA ASP B 41 -7.86 -30.70 25.74
C ASP B 41 -6.75 -31.74 25.45
N PRO B 42 -5.48 -31.31 25.17
CA PRO B 42 -4.43 -32.27 24.85
C PRO B 42 -4.06 -33.14 26.05
N ARG B 43 -4.43 -32.71 27.26
CA ARG B 43 -4.18 -33.47 28.48
C ARG B 43 -5.10 -34.72 28.58
N ILE B 44 -6.19 -34.78 27.81
CA ILE B 44 -7.06 -35.95 27.82
C ILE B 44 -6.47 -36.96 26.83
N GLU B 45 -5.94 -38.06 27.35
CA GLU B 45 -5.31 -39.09 26.53
C GLU B 45 -6.31 -39.80 25.62
N THR B 46 -5.96 -39.85 24.34
CA THR B 46 -6.74 -40.52 23.30
C THR B 46 -5.83 -41.58 22.65
N GLY B 47 -6.35 -42.25 21.64
CA GLY B 47 -5.61 -43.25 20.88
C GLY B 47 -4.93 -42.65 19.65
N ALA B 48 -5.05 -41.33 19.46
CA ALA B 48 -4.45 -40.62 18.33
C ALA B 48 -2.91 -40.53 18.46
N ARG B 49 -2.22 -40.38 17.31
CA ARG B 49 -0.77 -40.22 17.23
C ARG B 49 -0.46 -38.73 17.41
N GLY B 50 0.30 -38.42 18.46
CA GLY B 50 0.69 -37.06 18.79
C GLY B 50 1.84 -36.51 17.96
N ARG B 51 1.53 -35.87 16.81
CA ARG B 51 2.54 -35.21 15.97
C ARG B 51 2.81 -33.82 16.58
N SER B 52 4.03 -33.62 17.14
CA SER B 52 4.39 -32.34 17.78
C SER B 52 5.88 -32.02 17.60
N ILE B 53 6.20 -30.77 17.29
CA ILE B 53 7.59 -30.37 17.11
C ILE B 53 8.12 -29.64 18.35
N ASN B 54 9.43 -29.49 18.39
CA ASN B 54 10.12 -28.76 19.43
C ASN B 54 10.33 -27.30 18.95
N LEU B 55 10.34 -26.36 19.89
CA LEU B 55 10.56 -24.96 19.65
C LEU B 55 11.80 -24.51 20.42
N ALA B 56 12.46 -23.46 19.93
CA ALA B 56 13.60 -22.89 20.60
C ALA B 56 13.07 -21.81 21.57
N LEU B 57 13.30 -22.05 22.86
CA LEU B 57 12.93 -21.16 23.95
C LEU B 57 14.19 -20.41 24.34
N ALA B 58 14.11 -19.09 24.29
CA ALA B 58 15.24 -18.22 24.61
C ALA B 58 14.89 -17.34 25.82
N GLU B 59 15.76 -16.37 26.18
CA GLU B 59 15.59 -15.56 27.40
C GLU B 59 14.21 -14.85 27.51
N ARG B 60 13.67 -14.28 26.43
CA ARG B 60 12.37 -13.60 26.49
C ARG B 60 11.24 -14.56 26.91
N GLY B 61 11.17 -15.75 26.29
CA GLY B 61 10.18 -16.75 26.65
C GLY B 61 10.44 -17.32 28.04
N ALA B 62 11.73 -17.62 28.37
CA ALA B 62 12.10 -18.19 29.67
C ALA B 62 11.77 -17.24 30.81
N HIS B 63 12.04 -15.92 30.61
CA HIS B 63 11.75 -14.91 31.64
C HIS B 63 10.24 -14.78 31.86
N ALA B 64 9.44 -14.82 30.77
CA ALA B 64 7.99 -14.76 30.89
C ALA B 64 7.49 -15.96 31.72
N LEU B 65 8.04 -17.17 31.47
CA LEU B 65 7.68 -18.38 32.24
C LEU B 65 8.14 -18.26 33.71
N ARG B 66 9.31 -17.64 33.93
CA ARG B 66 9.93 -17.39 35.24
C ARG B 66 9.01 -16.48 36.09
N LEU B 67 8.50 -15.38 35.49
CA LEU B 67 7.55 -14.48 36.16
C LEU B 67 6.27 -15.25 36.56
N ALA B 68 5.83 -16.19 35.71
CA ALA B 68 4.65 -17.01 35.92
C ALA B 68 4.89 -18.18 36.88
N GLY B 69 6.15 -18.41 37.25
CA GLY B 69 6.54 -19.48 38.16
C GLY B 69 6.52 -20.85 37.51
N LEU B 70 6.65 -20.93 36.18
CA LEU B 70 6.61 -22.19 35.43
C LEU B 70 7.92 -22.57 34.76
N GLU B 71 8.94 -21.71 34.85
CA GLU B 71 10.20 -21.97 34.14
C GLU B 71 10.87 -23.34 34.50
N ARG B 72 11.03 -23.64 35.79
CA ARG B 72 11.67 -24.87 36.25
C ARG B 72 10.99 -26.12 35.65
N GLU B 73 9.65 -26.14 35.67
CA GLU B 73 8.85 -27.24 35.13
C GLU B 73 9.09 -27.42 33.62
N VAL B 74 9.10 -26.31 32.87
CA VAL B 74 9.33 -26.36 31.41
C VAL B 74 10.77 -26.82 31.12
N LEU B 75 11.75 -26.22 31.82
CA LEU B 75 13.18 -26.55 31.60
C LEU B 75 13.51 -28.00 31.93
N ALA B 76 12.74 -28.66 32.84
CA ALA B 76 12.98 -30.07 33.21
C ALA B 76 12.87 -30.98 31.99
N GLU B 77 12.05 -30.60 30.99
CA GLU B 77 11.86 -31.38 29.76
C GLU B 77 12.46 -30.69 28.51
N ALA B 78 13.43 -29.79 28.70
CA ALA B 78 14.05 -29.06 27.60
C ALA B 78 15.47 -29.54 27.35
N VAL B 79 15.84 -29.68 26.08
CA VAL B 79 17.22 -30.04 25.71
C VAL B 79 18.02 -28.74 25.59
N MET B 80 19.21 -28.69 26.25
CA MET B 80 20.11 -27.55 26.21
C MET B 80 20.79 -27.45 24.83
N MET B 81 20.76 -26.29 24.21
CA MET B 81 21.46 -26.10 22.95
C MET B 81 22.52 -25.05 23.30
N ARG B 82 23.77 -25.51 23.46
CA ARG B 82 24.94 -24.72 23.88
C ARG B 82 25.49 -23.81 22.83
N GLY B 83 25.18 -24.13 21.59
CA GLY B 83 25.66 -23.37 20.47
C GLY B 83 25.06 -23.83 19.18
N ARG B 84 25.49 -23.20 18.11
CA ARG B 84 25.05 -23.47 16.76
C ARG B 84 26.09 -24.35 16.03
N MET B 85 25.67 -25.57 15.61
CA MET B 85 26.55 -26.48 14.87
C MET B 85 26.34 -26.21 13.36
N VAL B 86 27.33 -25.59 12.72
CA VAL B 86 27.22 -25.25 11.30
C VAL B 86 27.88 -26.35 10.45
N HIS B 87 27.14 -26.88 9.49
CA HIS B 87 27.59 -27.92 8.58
C HIS B 87 27.86 -27.28 7.20
N VAL B 88 29.08 -26.79 6.97
CA VAL B 88 29.43 -26.11 5.71
C VAL B 88 30.21 -27.11 4.85
N PRO B 89 29.75 -27.40 3.59
CA PRO B 89 30.47 -28.38 2.76
C PRO B 89 31.98 -28.07 2.65
N GLY B 90 32.78 -29.12 2.79
CA GLY B 90 34.24 -29.01 2.71
C GLY B 90 34.95 -28.97 4.04
N THR B 91 34.25 -28.57 5.12
CA THR B 91 34.81 -28.51 6.48
C THR B 91 34.04 -29.49 7.40
N PRO B 92 34.64 -30.02 8.49
CA PRO B 92 33.84 -30.83 9.44
C PRO B 92 32.85 -29.89 10.16
N PRO B 93 31.74 -30.36 10.76
CA PRO B 93 30.82 -29.42 11.44
C PRO B 93 31.50 -28.56 12.51
N ASN B 94 31.19 -27.25 12.49
CA ASN B 94 31.79 -26.26 13.40
C ASN B 94 30.80 -25.75 14.46
N LEU B 95 31.12 -25.95 15.75
CA LEU B 95 30.27 -25.49 16.86
C LEU B 95 30.60 -24.05 17.28
N GLN B 96 29.61 -23.18 17.16
CA GLN B 96 29.72 -21.77 17.53
C GLN B 96 28.94 -21.58 18.84
N PRO B 97 29.64 -21.55 20.01
CA PRO B 97 28.93 -21.39 21.29
C PRO B 97 28.16 -20.07 21.37
N TYR B 98 27.11 -20.05 22.22
CA TYR B 98 26.29 -18.85 22.41
C TYR B 98 26.90 -17.81 23.35
N GLY B 99 27.88 -18.19 24.15
CA GLY B 99 28.56 -17.27 25.05
C GLY B 99 29.08 -17.88 26.34
N ARG B 100 28.76 -17.23 27.47
CA ARG B 100 29.15 -17.61 28.83
C ARG B 100 28.77 -19.05 29.18
N ASP B 101 29.80 -19.92 29.37
CA ASP B 101 29.76 -21.35 29.69
C ASP B 101 28.46 -22.04 29.26
N ASP B 102 27.48 -22.11 30.18
CA ASP B 102 26.16 -22.69 29.98
C ASP B 102 25.03 -21.72 30.44
N SER B 103 25.38 -20.42 30.59
CA SER B 103 24.42 -19.39 31.00
C SER B 103 23.66 -18.81 29.81
N GLU B 104 24.35 -18.65 28.65
CA GLU B 104 23.72 -18.22 27.40
C GLU B 104 23.51 -19.48 26.54
N VAL B 105 22.32 -20.08 26.65
CA VAL B 105 21.94 -21.29 25.92
C VAL B 105 20.52 -21.07 25.38
N ILE B 106 20.12 -21.86 24.39
CA ILE B 106 18.75 -21.86 23.87
C ILE B 106 18.22 -23.25 24.27
N TRP B 107 16.94 -23.33 24.62
CA TRP B 107 16.31 -24.56 25.06
C TRP B 107 15.39 -25.14 23.97
N SER B 108 15.52 -26.42 23.69
CA SER B 108 14.64 -27.12 22.74
C SER B 108 13.51 -27.81 23.57
N ILE B 109 12.29 -27.30 23.47
CA ILE B 109 11.13 -27.80 24.25
C ILE B 109 10.00 -28.26 23.30
N ASN B 110 9.37 -29.41 23.61
CA ASN B 110 8.25 -29.92 22.84
C ASN B 110 7.05 -28.97 23.01
N ARG B 111 6.45 -28.53 21.91
CA ARG B 111 5.32 -27.58 21.93
C ARG B 111 4.15 -28.10 22.76
N ASP B 112 3.77 -29.35 22.59
CA ASP B 112 2.64 -29.96 23.30
C ASP B 112 2.91 -30.04 24.80
N ARG B 113 4.18 -30.40 25.18
CA ARG B 113 4.60 -30.47 26.60
C ARG B 113 4.48 -29.09 27.23
N LEU B 114 4.97 -28.03 26.52
CA LEU B 114 4.86 -26.65 27.00
C LEU B 114 3.38 -26.24 27.16
N ASN B 115 2.53 -26.54 26.15
CA ASN B 115 1.12 -26.19 26.19
C ASN B 115 0.39 -26.85 27.37
N ARG B 116 0.74 -28.11 27.71
CA ARG B 116 0.14 -28.83 28.84
C ARG B 116 0.50 -28.20 30.17
N ILE B 117 1.78 -27.80 30.33
CA ILE B 117 2.25 -27.13 31.55
C ILE B 117 1.52 -25.78 31.72
N LEU B 118 1.38 -25.03 30.63
CA LEU B 118 0.68 -23.74 30.64
C LEU B 118 -0.80 -23.93 30.99
N LEU B 119 -1.46 -24.95 30.40
CA LEU B 119 -2.87 -25.27 30.72
C LEU B 119 -3.05 -25.56 32.20
N ASP B 120 -2.20 -26.43 32.75
CA ASP B 120 -2.21 -26.78 34.18
C ASP B 120 -2.00 -25.53 35.04
N GLY B 121 -1.06 -24.67 34.62
CA GLY B 121 -0.75 -23.40 35.27
C GLY B 121 -1.90 -22.42 35.31
N ALA B 122 -2.61 -22.27 34.19
CA ALA B 122 -3.76 -21.36 34.08
C ALA B 122 -4.89 -21.83 34.98
N GLU B 123 -5.16 -23.16 34.97
CA GLU B 123 -6.20 -23.71 35.85
C GLU B 123 -5.82 -23.62 37.33
N ALA B 124 -4.53 -23.86 37.65
CA ALA B 124 -4.07 -23.74 39.05
C ALA B 124 -4.29 -22.30 39.59
N ALA B 125 -4.12 -21.26 38.73
CA ALA B 125 -4.30 -19.85 39.07
C ALA B 125 -5.79 -19.44 39.18
N GLY B 126 -6.71 -20.31 38.74
CA GLY B 126 -8.15 -20.09 38.81
C GLY B 126 -8.86 -19.84 37.49
N ALA B 127 -8.15 -19.86 36.35
CA ALA B 127 -8.81 -19.65 35.05
C ALA B 127 -9.69 -20.88 34.68
N SER B 128 -10.80 -20.63 33.98
CA SER B 128 -11.69 -21.69 33.48
C SER B 128 -11.42 -21.86 31.99
N ILE B 129 -11.07 -23.08 31.59
CA ILE B 129 -10.75 -23.39 30.20
C ILE B 129 -11.84 -24.26 29.57
N HIS B 130 -12.37 -23.77 28.46
CA HIS B 130 -13.46 -24.41 27.71
C HIS B 130 -12.94 -24.84 26.36
N PHE B 131 -12.77 -26.14 26.17
CA PHE B 131 -12.23 -26.68 24.92
C PHE B 131 -13.37 -27.05 23.96
N ASN B 132 -13.00 -27.43 22.72
CA ASN B 132 -13.94 -27.84 21.67
C ASN B 132 -14.95 -26.71 21.32
N LEU B 133 -14.49 -25.45 21.46
CA LEU B 133 -15.35 -24.29 21.17
C LEU B 133 -14.54 -23.27 20.39
N GLY B 134 -14.86 -23.16 19.11
CA GLY B 134 -14.16 -22.26 18.20
C GLY B 134 -14.94 -20.98 18.01
N LEU B 135 -14.27 -19.84 18.12
CA LEU B 135 -14.90 -18.55 17.87
C LEU B 135 -15.26 -18.42 16.38
N ASP B 136 -16.54 -18.15 16.09
CA ASP B 136 -17.02 -17.94 14.71
C ASP B 136 -17.18 -16.45 14.38
N SER B 137 -17.72 -15.66 15.32
CA SER B 137 -17.97 -14.23 15.06
C SER B 137 -18.13 -13.48 16.36
N VAL B 138 -18.00 -12.16 16.26
CA VAL B 138 -18.15 -11.23 17.39
C VAL B 138 -19.12 -10.12 16.99
N ASP B 139 -20.04 -9.78 17.90
CA ASP B 139 -20.94 -8.64 17.73
C ASP B 139 -20.43 -7.63 18.74
N PHE B 140 -19.58 -6.69 18.32
CA PHE B 140 -18.98 -5.66 19.19
C PHE B 140 -20.01 -4.69 19.80
N ALA B 141 -21.04 -4.29 19.04
CA ALA B 141 -22.09 -3.38 19.53
C ALA B 141 -22.85 -3.99 20.73
N ARG B 142 -23.20 -5.27 20.64
CA ARG B 142 -23.91 -5.98 21.71
C ARG B 142 -22.95 -6.68 22.68
N GLN B 143 -21.63 -6.69 22.39
CA GLN B 143 -20.60 -7.39 23.18
C GLN B 143 -21.01 -8.87 23.45
N ARG B 144 -21.30 -9.55 22.35
CA ARG B 144 -21.63 -10.95 22.35
C ARG B 144 -20.77 -11.63 21.33
N LEU B 145 -20.47 -12.88 21.58
CA LEU B 145 -19.72 -13.66 20.62
C LEU B 145 -20.41 -14.98 20.36
N THR B 146 -20.10 -15.57 19.19
CA THR B 146 -20.69 -16.85 18.81
C THR B 146 -19.56 -17.86 18.66
N LEU B 147 -19.69 -18.97 19.36
CA LEU B 147 -18.75 -20.09 19.33
C LEU B 147 -19.49 -21.31 18.79
N SER B 148 -18.76 -22.33 18.33
CA SER B 148 -19.36 -23.58 17.87
C SER B 148 -18.45 -24.76 18.18
N ASN B 149 -19.06 -25.94 18.41
CA ASN B 149 -18.38 -27.22 18.63
C ASN B 149 -18.17 -27.92 17.27
N VAL B 150 -17.53 -29.13 17.26
CA VAL B 150 -17.23 -29.90 16.04
C VAL B 150 -18.52 -30.24 15.24
N SER B 151 -19.65 -30.47 15.94
CA SER B 151 -20.96 -30.79 15.35
C SER B 151 -21.64 -29.56 14.72
N GLY B 152 -21.04 -28.37 14.87
CA GLY B 152 -21.54 -27.12 14.33
C GLY B 152 -22.64 -26.48 15.16
N GLU B 153 -22.90 -27.03 16.37
CA GLU B 153 -23.87 -26.53 17.33
C GLU B 153 -23.32 -25.19 17.89
N ARG B 154 -24.08 -24.10 17.73
CA ARG B 154 -23.68 -22.75 18.16
C ARG B 154 -24.03 -22.39 19.59
N LEU B 155 -23.16 -21.60 20.21
CA LEU B 155 -23.30 -21.12 21.58
C LEU B 155 -22.93 -19.64 21.61
N GLU B 156 -23.84 -18.79 22.16
CA GLU B 156 -23.59 -17.35 22.27
C GLU B 156 -23.20 -17.02 23.71
N LYS B 157 -22.21 -16.15 23.86
CA LYS B 157 -21.73 -15.72 25.17
C LYS B 157 -21.56 -14.20 25.20
N ARG B 158 -21.88 -13.59 26.35
CA ARG B 158 -21.62 -12.17 26.55
C ARG B 158 -20.12 -12.04 26.96
N PHE B 159 -19.49 -10.90 26.66
CA PHE B 159 -18.10 -10.63 27.07
C PHE B 159 -17.97 -9.16 27.51
N HIS B 160 -16.97 -8.88 28.39
CA HIS B 160 -16.64 -7.55 28.89
CA HIS B 160 -16.64 -7.53 28.89
C HIS B 160 -15.35 -7.07 28.21
N LEU B 161 -14.33 -7.95 28.16
CA LEU B 161 -13.04 -7.70 27.52
C LEU B 161 -12.66 -8.96 26.76
N LEU B 162 -12.29 -8.76 25.50
CA LEU B 162 -11.95 -9.86 24.61
C LEU B 162 -10.47 -9.84 24.21
N ILE B 163 -9.77 -10.94 24.47
CA ILE B 163 -8.34 -11.07 24.11
C ILE B 163 -8.24 -12.12 22.99
N GLY B 164 -7.74 -11.67 21.84
CA GLY B 164 -7.48 -12.54 20.69
C GLY B 164 -6.10 -13.13 20.75
N ALA B 165 -5.98 -14.36 21.31
CA ALA B 165 -4.71 -15.08 21.40
C ALA B 165 -4.86 -16.35 20.52
N ASP B 166 -5.57 -16.18 19.41
CA ASP B 166 -6.01 -17.28 18.56
C ASP B 166 -5.17 -17.52 17.28
N GLY B 167 -3.87 -17.23 17.34
CA GLY B 167 -2.95 -17.61 16.28
C GLY B 167 -2.95 -16.79 15.01
N CYS B 168 -2.11 -17.23 14.04
CA CYS B 168 -1.88 -16.50 12.80
CA CYS B 168 -1.89 -16.57 12.75
C CYS B 168 -3.14 -16.30 11.94
N ASN B 169 -4.13 -17.20 12.06
CA ASN B 169 -5.41 -17.12 11.32
C ASN B 169 -6.54 -16.72 12.26
N SER B 170 -6.21 -15.86 13.22
CA SER B 170 -7.10 -15.32 14.25
C SER B 170 -8.54 -14.99 13.77
N ALA B 171 -9.54 -15.59 14.42
CA ALA B 171 -10.96 -15.28 14.17
C ALA B 171 -11.26 -13.91 14.84
N VAL B 172 -10.57 -13.60 15.98
CA VAL B 172 -10.79 -12.30 16.67
C VAL B 172 -10.34 -11.17 15.73
N ARG B 173 -9.19 -11.34 15.07
CA ARG B 173 -8.66 -10.34 14.14
C ARG B 173 -9.65 -10.11 12.98
N GLN B 174 -10.19 -11.21 12.42
CA GLN B 174 -11.16 -11.15 11.34
C GLN B 174 -12.43 -10.39 11.80
N ALA B 175 -12.91 -10.65 13.02
CA ALA B 175 -14.09 -9.97 13.56
C ALA B 175 -13.84 -8.46 13.75
N MET B 176 -12.64 -8.08 14.25
CA MET B 176 -12.23 -6.68 14.45
C MET B 176 -12.25 -5.90 13.13
N ALA B 177 -11.92 -6.56 11.99
CA ALA B 177 -11.90 -5.95 10.65
C ALA B 177 -13.26 -5.47 10.17
N SER B 178 -14.33 -5.94 10.81
CA SER B 178 -15.67 -5.50 10.47
C SER B 178 -16.07 -4.21 11.21
N VAL B 179 -15.30 -3.79 12.24
CA VAL B 179 -15.60 -2.58 13.02
C VAL B 179 -14.51 -1.51 12.91
N VAL B 180 -13.27 -1.91 12.59
CA VAL B 180 -12.15 -0.98 12.47
C VAL B 180 -11.24 -1.40 11.31
N ASP B 181 -10.59 -0.42 10.68
CA ASP B 181 -9.60 -0.65 9.65
C ASP B 181 -8.33 -0.96 10.45
N LEU B 182 -7.85 -2.21 10.37
CA LEU B 182 -6.66 -2.63 11.10
C LEU B 182 -5.37 -2.23 10.39
N GLY B 183 -5.48 -1.72 9.17
CA GLY B 183 -4.37 -1.29 8.32
C GLY B 183 -3.39 -2.42 8.13
N GLU B 184 -3.91 -3.60 7.76
CA GLU B 184 -3.13 -4.85 7.57
C GLU B 184 -2.36 -4.82 6.26
N HIS B 185 -1.14 -5.34 6.30
CA HIS B 185 -0.24 -5.44 5.14
C HIS B 185 0.44 -6.81 5.20
N LEU B 186 0.11 -7.66 4.23
CA LEU B 186 0.66 -9.02 4.13
C LEU B 186 1.89 -9.06 3.21
N GLU B 187 2.98 -9.63 3.70
CA GLU B 187 4.20 -9.80 2.95
C GLU B 187 4.47 -11.28 2.83
N THR B 188 4.23 -11.81 1.63
CA THR B 188 4.45 -13.24 1.35
C THR B 188 5.96 -13.55 1.38
N GLN B 189 6.31 -14.78 1.71
CA GLN B 189 7.69 -15.20 1.73
C GLN B 189 7.90 -16.33 0.68
N PRO B 190 8.92 -16.23 -0.21
CA PRO B 190 9.07 -17.24 -1.30
C PRO B 190 9.45 -18.66 -0.89
N HIS B 191 10.00 -18.85 0.32
CA HIS B 191 10.38 -20.19 0.79
C HIS B 191 9.23 -20.93 1.39
N GLY B 192 9.11 -22.18 1.00
CA GLY B 192 8.23 -23.14 1.65
C GLY B 192 9.10 -23.91 2.63
N TYR B 193 8.49 -24.79 3.43
CA TYR B 193 9.25 -25.63 4.34
C TYR B 193 8.68 -27.04 4.39
N LYS B 194 9.57 -27.99 4.60
CA LYS B 194 9.23 -29.40 4.69
C LYS B 194 9.96 -29.99 5.90
N GLU B 195 9.20 -30.67 6.75
CA GLU B 195 9.71 -31.32 7.95
C GLU B 195 10.07 -32.77 7.67
N LEU B 196 11.28 -33.16 8.03
CA LEU B 196 11.86 -34.47 7.85
C LEU B 196 12.40 -34.97 9.20
N GLN B 197 12.62 -36.27 9.34
CA GLN B 197 13.02 -36.82 10.63
C GLN B 197 14.33 -37.55 10.63
N ILE B 198 15.05 -37.45 11.75
CA ILE B 198 16.23 -38.22 12.04
C ILE B 198 15.83 -38.99 13.29
N THR B 199 15.89 -40.33 13.22
CA THR B 199 15.53 -41.19 14.35
C THR B 199 16.64 -41.12 15.45
N PRO B 200 16.35 -41.53 16.69
CA PRO B 200 17.41 -41.60 17.73
C PRO B 200 18.57 -42.54 17.31
N GLU B 201 18.26 -43.67 16.63
CA GLU B 201 19.31 -44.63 16.19
C GLU B 201 20.24 -43.95 15.18
N ALA B 202 19.67 -43.28 14.17
CA ALA B 202 20.43 -42.59 13.11
C ALA B 202 21.27 -41.44 13.66
N SER B 203 20.71 -40.60 14.55
CA SER B 203 21.50 -39.49 15.11
C SER B 203 22.70 -40.03 15.92
N ALA B 204 22.50 -41.12 16.71
CA ALA B 204 23.58 -41.72 17.51
C ALA B 204 24.65 -42.36 16.59
N GLN B 205 24.23 -43.09 15.53
CA GLN B 205 25.11 -43.75 14.55
C GLN B 205 26.04 -42.74 13.87
N PHE B 206 25.50 -41.57 13.48
CA PHE B 206 26.26 -40.51 12.79
C PHE B 206 26.88 -39.47 13.75
N ASN B 207 26.77 -39.69 15.07
CA ASN B 207 27.33 -38.82 16.12
C ASN B 207 26.85 -37.36 15.99
N LEU B 208 25.55 -37.18 15.67
CA LEU B 208 24.95 -35.86 15.54
C LEU B 208 24.76 -35.30 16.95
N GLU B 209 25.40 -34.15 17.21
CA GLU B 209 25.42 -33.48 18.52
C GLU B 209 24.01 -33.13 19.06
N PRO B 210 23.56 -33.76 20.15
CA PRO B 210 22.20 -33.42 20.67
C PRO B 210 22.13 -32.06 21.36
N ASN B 211 23.26 -31.54 21.92
CA ASN B 211 23.17 -30.27 22.65
C ASN B 211 23.59 -29.08 21.82
N ALA B 212 22.99 -28.96 20.60
CA ALA B 212 23.24 -27.88 19.67
C ALA B 212 22.06 -27.71 18.72
N LEU B 213 21.97 -26.54 18.10
CA LEU B 213 21.01 -26.24 17.02
C LEU B 213 21.85 -26.42 15.75
N HIS B 214 21.39 -27.22 14.80
CA HIS B 214 22.14 -27.54 13.60
C HIS B 214 21.69 -26.78 12.37
N ILE B 215 22.64 -26.27 11.58
CA ILE B 215 22.31 -25.59 10.31
C ILE B 215 23.13 -26.16 9.14
N TRP B 216 22.48 -26.36 7.98
CA TRP B 216 23.12 -26.77 6.74
C TRP B 216 22.88 -25.62 5.77
N PRO B 217 23.73 -24.56 5.78
CA PRO B 217 23.48 -23.44 4.86
C PRO B 217 23.68 -23.83 3.39
N HIS B 218 22.89 -23.26 2.50
CA HIS B 218 23.07 -23.54 1.06
C HIS B 218 22.56 -22.35 0.20
N GLY B 219 22.79 -21.12 0.69
CA GLY B 219 22.41 -19.89 0.00
C GLY B 219 20.93 -19.66 -0.09
N ASP B 220 20.32 -19.91 -1.29
CA ASP B 220 18.87 -19.74 -1.48
C ASP B 220 18.02 -20.78 -0.76
N TYR B 221 18.65 -21.85 -0.27
CA TYR B 221 17.93 -22.87 0.50
C TYR B 221 18.81 -23.35 1.63
N MET B 222 18.25 -24.02 2.60
CA MET B 222 19.03 -24.50 3.75
C MET B 222 18.18 -25.51 4.54
N CYS B 223 18.84 -26.23 5.45
CA CYS B 223 18.18 -27.11 6.41
C CYS B 223 18.59 -26.64 7.79
N ILE B 224 17.70 -26.87 8.74
CA ILE B 224 17.94 -26.62 10.18
C ILE B 224 17.47 -27.86 10.92
N ALA B 225 18.08 -28.17 12.07
CA ALA B 225 17.58 -29.29 12.86
C ALA B 225 17.66 -28.96 14.32
N LEU B 226 16.57 -29.28 15.03
CA LEU B 226 16.48 -29.08 16.47
C LEU B 226 16.41 -30.48 17.14
N PRO B 227 17.11 -30.65 18.24
CA PRO B 227 17.07 -31.96 18.94
C PRO B 227 15.82 -32.13 19.79
N ASN B 228 15.38 -33.37 19.97
CA ASN B 228 14.29 -33.76 20.85
C ASN B 228 14.90 -34.49 22.07
N LEU B 229 14.17 -34.60 23.22
CA LEU B 229 14.65 -35.29 24.44
C LEU B 229 15.11 -36.73 24.16
N ASP B 230 14.47 -37.38 23.19
CA ASP B 230 14.77 -38.79 22.90
C ASP B 230 15.91 -38.98 21.86
N ARG B 231 16.66 -37.91 21.54
CA ARG B 231 17.76 -37.94 20.55
C ARG B 231 17.28 -37.97 19.08
N SER B 232 15.97 -37.94 18.83
CA SER B 232 15.51 -37.78 17.44
C SER B 232 15.72 -36.27 17.13
N PHE B 233 15.69 -35.90 15.85
CA PHE B 233 15.78 -34.50 15.46
C PHE B 233 14.71 -34.26 14.40
N THR B 234 14.15 -33.06 14.40
CA THR B 234 13.24 -32.66 13.35
C THR B 234 14.07 -31.77 12.46
N VAL B 235 14.27 -32.20 11.23
CA VAL B 235 15.05 -31.44 10.23
C VAL B 235 14.04 -30.69 9.37
N THR B 236 14.28 -29.40 9.10
CA THR B 236 13.40 -28.64 8.25
C THR B 236 14.16 -28.08 7.07
N LEU B 237 13.65 -28.33 5.88
CA LEU B 237 14.20 -27.81 4.65
C LEU B 237 13.42 -26.54 4.30
N PHE B 238 14.15 -25.44 4.04
CA PHE B 238 13.57 -24.17 3.57
C PHE B 238 13.99 -24.08 2.11
N LEU B 239 13.03 -23.97 1.21
CA LEU B 239 13.32 -23.99 -0.23
C LEU B 239 12.19 -23.27 -0.97
N HIS B 240 12.53 -22.51 -2.03
CA HIS B 240 11.52 -21.78 -2.82
C HIS B 240 10.41 -22.72 -3.27
N HIS B 241 9.15 -22.27 -3.18
CA HIS B 241 7.99 -23.02 -3.67
C HIS B 241 8.16 -23.22 -5.19
N GLN B 242 8.59 -22.15 -5.90
CA GLN B 242 8.73 -22.12 -7.35
C GLN B 242 10.07 -21.51 -7.76
N SER B 243 10.59 -21.97 -8.91
CA SER B 243 11.85 -21.48 -9.49
C SER B 243 11.58 -20.10 -10.16
N PRO B 244 12.38 -19.04 -9.86
CA PRO B 244 12.12 -17.73 -10.49
C PRO B 244 12.35 -17.73 -11.99
N ALA B 245 11.76 -16.74 -12.69
CA ALA B 245 11.89 -16.55 -14.14
C ALA B 245 13.36 -16.40 -14.57
N ALA B 246 14.15 -15.61 -13.80
CA ALA B 246 15.57 -15.33 -14.03
C ALA B 246 16.48 -16.56 -13.87
N GLN B 247 16.10 -17.49 -12.96
CA GLN B 247 16.85 -18.72 -12.69
C GLN B 247 15.92 -19.96 -12.82
N PRO B 248 15.54 -20.38 -14.07
CA PRO B 248 14.62 -21.52 -14.22
C PRO B 248 15.14 -22.86 -13.70
N ALA B 249 16.46 -23.09 -13.78
CA ALA B 249 17.09 -24.33 -13.34
C ALA B 249 17.22 -24.45 -11.80
N SER B 250 17.19 -23.31 -11.08
CA SER B 250 17.36 -23.25 -9.63
C SER B 250 16.39 -24.17 -8.86
N PRO B 251 16.91 -24.87 -7.83
CA PRO B 251 16.03 -25.79 -7.06
C PRO B 251 14.79 -25.13 -6.47
N SER B 252 13.69 -25.89 -6.43
CA SER B 252 12.42 -25.46 -5.84
C SER B 252 11.55 -26.67 -5.53
N PHE B 253 10.52 -26.50 -4.68
CA PHE B 253 9.59 -27.60 -4.37
C PHE B 253 8.85 -28.10 -5.61
N ALA B 254 8.55 -27.18 -6.57
CA ALA B 254 7.87 -27.51 -7.83
C ALA B 254 8.65 -28.58 -8.61
N GLN B 255 10.01 -28.54 -8.55
CA GLN B 255 10.89 -29.52 -9.20
C GLN B 255 10.96 -30.87 -8.50
N LEU B 256 10.64 -30.92 -7.20
CA LEU B 256 10.74 -32.16 -6.43
C LEU B 256 9.38 -32.85 -6.40
N VAL B 257 9.06 -33.56 -7.48
CA VAL B 257 7.74 -34.18 -7.69
C VAL B 257 7.43 -35.32 -6.70
N ASP B 258 8.44 -36.12 -6.31
CA ASP B 258 8.23 -37.22 -5.37
C ASP B 258 9.42 -37.34 -4.41
N GLY B 259 9.30 -38.28 -3.46
CA GLY B 259 10.36 -38.56 -2.50
C GLY B 259 11.65 -38.99 -3.15
N HIS B 260 11.57 -39.68 -4.33
CA HIS B 260 12.77 -40.11 -5.05
C HIS B 260 13.59 -38.94 -5.58
N ALA B 261 12.92 -37.93 -6.14
CA ALA B 261 13.55 -36.70 -6.63
C ALA B 261 14.18 -35.95 -5.43
N ALA B 262 13.44 -35.90 -4.29
CA ALA B 262 13.92 -35.26 -3.05
C ALA B 262 15.21 -35.95 -2.55
N ARG B 263 15.27 -37.31 -2.61
CA ARG B 263 16.44 -38.07 -2.20
C ARG B 263 17.68 -37.71 -3.03
N ARG B 264 17.53 -37.65 -4.36
CA ARG B 264 18.63 -37.31 -5.26
C ARG B 264 19.11 -35.87 -5.01
N PHE B 265 18.17 -34.95 -4.74
CA PHE B 265 18.47 -33.56 -4.39
C PHE B 265 19.33 -33.51 -3.09
N PHE B 266 18.90 -34.25 -2.05
CA PHE B 266 19.65 -34.29 -0.78
C PHE B 266 21.04 -34.96 -0.96
N GLN B 267 21.11 -36.04 -1.74
CA GLN B 267 22.40 -36.70 -1.99
C GLN B 267 23.39 -35.76 -2.69
N ARG B 268 22.92 -34.89 -3.60
CA ARG B 268 23.77 -33.92 -4.31
C ARG B 268 24.12 -32.66 -3.49
N GLN B 269 23.12 -32.06 -2.81
CA GLN B 269 23.23 -30.78 -2.12
C GLN B 269 23.50 -30.85 -0.63
N PHE B 270 23.02 -31.91 0.05
CA PHE B 270 23.24 -32.12 1.50
C PHE B 270 23.79 -33.55 1.71
N PRO B 271 24.98 -33.89 1.13
CA PRO B 271 25.48 -35.27 1.22
C PRO B 271 25.75 -35.83 2.61
N ASP B 272 26.06 -34.99 3.61
CA ASP B 272 26.33 -35.50 4.96
C ASP B 272 25.03 -35.67 5.76
N LEU B 273 23.94 -35.09 5.24
CA LEU B 273 22.62 -35.10 5.86
C LEU B 273 21.73 -36.24 5.35
N SER B 274 21.75 -36.44 4.03
CA SER B 274 20.96 -37.51 3.40
C SER B 274 21.09 -38.91 4.09
N PRO B 275 22.30 -39.44 4.48
CA PRO B 275 22.35 -40.76 5.12
C PRO B 275 21.61 -40.88 6.46
N MET B 276 21.41 -39.75 7.14
CA MET B 276 20.72 -39.67 8.43
C MET B 276 19.20 -39.65 8.29
N LEU B 277 18.71 -39.33 7.09
CA LEU B 277 17.28 -39.21 6.79
C LEU B 277 16.70 -40.51 6.22
N ASP B 278 16.44 -41.51 7.08
CA ASP B 278 15.93 -42.82 6.65
C ASP B 278 14.56 -42.79 5.95
N SER B 279 13.64 -41.96 6.46
CA SER B 279 12.28 -41.88 5.91
C SER B 279 12.09 -40.62 5.04
N LEU B 280 13.18 -40.10 4.45
CA LEU B 280 13.17 -38.90 3.60
C LEU B 280 12.03 -38.98 2.56
N GLU B 281 11.96 -40.08 1.77
CA GLU B 281 10.97 -40.28 0.71
C GLU B 281 9.54 -40.17 1.22
N GLN B 282 9.20 -40.91 2.30
CA GLN B 282 7.85 -40.92 2.92
C GLN B 282 7.52 -39.57 3.55
N ASP B 283 8.46 -38.98 4.31
CA ASP B 283 8.26 -37.68 4.94
C ASP B 283 7.99 -36.62 3.87
N PHE B 284 8.78 -36.61 2.79
CA PHE B 284 8.59 -35.64 1.71
C PHE B 284 7.19 -35.71 1.09
N GLU B 285 6.71 -36.92 0.85
CA GLU B 285 5.41 -37.12 0.20
C GLU B 285 4.20 -36.96 1.12
N HIS B 286 4.33 -37.34 2.40
CA HIS B 286 3.21 -37.33 3.34
C HIS B 286 3.13 -36.09 4.21
N HIS B 287 4.24 -35.35 4.38
CA HIS B 287 4.20 -34.11 5.15
C HIS B 287 3.91 -32.95 4.20
N PRO B 288 2.91 -32.10 4.46
CA PRO B 288 2.62 -31.01 3.52
C PRO B 288 3.68 -29.91 3.57
N THR B 289 3.86 -29.19 2.45
CA THR B 289 4.82 -28.08 2.37
C THR B 289 4.16 -26.88 3.04
N GLY B 290 4.83 -26.35 4.06
CA GLY B 290 4.35 -25.22 4.83
C GLY B 290 4.59 -23.90 4.11
N LYS B 291 3.79 -22.91 4.44
CA LYS B 291 3.82 -21.55 3.87
C LYS B 291 4.27 -20.57 4.96
N LEU B 292 5.07 -19.58 4.56
CA LEU B 292 5.63 -18.59 5.49
C LEU B 292 5.20 -17.19 5.07
N ALA B 293 4.97 -16.30 6.06
CA ALA B 293 4.53 -14.92 5.76
C ALA B 293 4.67 -13.99 6.96
N THR B 294 4.67 -12.69 6.67
CA THR B 294 4.73 -11.65 7.68
C THR B 294 3.44 -10.82 7.50
N LEU B 295 2.71 -10.61 8.57
CA LEU B 295 1.49 -9.79 8.53
C LEU B 295 1.63 -8.66 9.56
N ARG B 296 1.57 -7.41 9.06
CA ARG B 296 1.73 -6.22 9.88
C ARG B 296 0.41 -5.47 10.00
N LEU B 297 0.04 -5.10 11.23
CA LEU B 297 -1.18 -4.34 11.48
C LEU B 297 -0.85 -3.01 12.09
N THR B 298 -1.58 -1.97 11.67
CA THR B 298 -1.48 -0.61 12.20
C THR B 298 -2.16 -0.58 13.56
N THR B 299 -3.27 -1.33 13.69
CA THR B 299 -4.16 -1.34 14.86
C THR B 299 -4.28 -2.76 15.45
N TRP B 300 -4.12 -2.91 16.77
CA TRP B 300 -4.25 -4.18 17.47
C TRP B 300 -5.47 -4.25 18.40
N HIS B 301 -6.22 -3.14 18.51
CA HIS B 301 -7.35 -3.10 19.44
C HIS B 301 -8.55 -2.34 18.94
N VAL B 302 -9.72 -2.62 19.55
CA VAL B 302 -10.99 -1.93 19.30
C VAL B 302 -11.39 -1.32 20.65
N GLY B 303 -11.15 -0.02 20.80
CA GLY B 303 -11.42 0.73 22.04
C GLY B 303 -10.88 -0.02 23.26
N GLY B 304 -11.74 -0.24 24.24
CA GLY B 304 -11.40 -1.04 25.43
C GLY B 304 -12.05 -2.41 25.37
N GLN B 305 -12.60 -2.76 24.20
CA GLN B 305 -13.36 -4.00 24.00
C GLN B 305 -12.55 -5.24 23.66
N ALA B 306 -11.54 -5.10 22.78
CA ALA B 306 -10.79 -6.26 22.29
C ALA B 306 -9.41 -5.88 21.92
N VAL B 307 -8.49 -6.84 22.07
CA VAL B 307 -7.08 -6.67 21.73
C VAL B 307 -6.53 -7.99 21.16
N LEU B 308 -5.51 -7.86 20.31
CA LEU B 308 -4.81 -9.01 19.75
C LEU B 308 -3.41 -9.10 20.39
N LEU B 309 -2.89 -10.31 20.48
CA LEU B 309 -1.51 -10.53 20.93
C LEU B 309 -0.94 -11.80 20.31
N GLY B 310 0.38 -11.92 20.33
CA GLY B 310 1.08 -13.07 19.75
C GLY B 310 0.89 -13.12 18.26
N ASP B 311 0.75 -14.36 17.72
CA ASP B 311 0.55 -14.59 16.28
C ASP B 311 -0.71 -13.93 15.72
N ALA B 312 -1.77 -13.75 16.55
CA ALA B 312 -2.99 -13.06 16.10
C ALA B 312 -2.66 -11.59 15.68
N ALA B 313 -1.71 -10.96 16.40
CA ALA B 313 -1.31 -9.58 16.15
C ALA B 313 -0.22 -9.43 15.12
N HIS B 314 0.76 -10.35 15.13
CA HIS B 314 1.93 -10.15 14.29
C HIS B 314 2.56 -11.43 13.74
N PRO B 315 1.87 -12.17 12.83
CA PRO B 315 2.54 -13.34 12.19
C PRO B 315 3.90 -12.93 11.63
N MET B 316 4.88 -13.78 11.82
CA MET B 316 6.27 -13.51 11.39
C MET B 316 6.89 -14.76 10.81
N VAL B 317 8.00 -14.57 10.06
CA VAL B 317 8.75 -15.70 9.48
C VAL B 317 9.49 -16.39 10.65
N PRO B 318 9.70 -17.72 10.61
CA PRO B 318 10.28 -18.43 11.78
C PRO B 318 11.81 -18.42 11.90
N PHE B 319 12.46 -17.58 11.06
CA PHE B 319 13.91 -17.58 10.87
C PHE B 319 14.75 -17.14 12.09
N HIS B 320 14.14 -16.51 13.11
CA HIS B 320 14.85 -16.15 14.34
C HIS B 320 14.48 -17.02 15.56
N GLY B 321 13.49 -17.92 15.41
CA GLY B 321 13.02 -18.73 16.54
C GLY B 321 12.52 -17.84 17.67
N GLN B 322 11.80 -16.77 17.30
CA GLN B 322 11.34 -15.76 18.23
C GLN B 322 9.82 -15.59 18.33
N GLY B 323 9.03 -16.25 17.47
CA GLY B 323 7.58 -16.13 17.50
C GLY B 323 6.98 -16.45 18.87
N MET B 324 7.26 -17.63 19.41
CA MET B 324 6.77 -18.01 20.76
C MET B 324 7.37 -17.08 21.82
N ASN B 325 8.68 -16.77 21.72
CA ASN B 325 9.37 -15.88 22.66
C ASN B 325 8.70 -14.51 22.72
N CYS B 326 8.37 -13.93 21.54
CA CYS B 326 7.65 -12.67 21.40
C CYS B 326 6.24 -12.83 21.97
N ALA B 327 5.53 -13.94 21.66
CA ALA B 327 4.13 -14.16 22.12
C ALA B 327 4.06 -14.19 23.67
N LEU B 328 5.04 -14.85 24.30
CA LEU B 328 5.10 -14.93 25.77
C LEU B 328 5.46 -13.57 26.40
N GLU B 329 6.38 -12.84 25.75
CA GLU B 329 6.75 -11.47 26.14
C GLU B 329 5.49 -10.55 26.04
N ASP B 330 4.67 -10.70 24.95
CA ASP B 330 3.42 -9.95 24.76
C ASP B 330 2.45 -10.19 25.91
N ALA B 331 2.30 -11.47 26.31
CA ALA B 331 1.39 -11.88 27.39
C ALA B 331 1.71 -11.16 28.70
N VAL B 332 2.99 -11.05 29.03
CA VAL B 332 3.47 -10.36 30.25
C VAL B 332 3.10 -8.88 30.16
N ALA B 333 3.43 -8.22 29.03
CA ALA B 333 3.15 -6.81 28.81
C ALA B 333 1.64 -6.53 28.89
N LEU B 334 0.82 -7.37 28.24
CA LEU B 334 -0.64 -7.22 28.27
C LEU B 334 -1.20 -7.35 29.69
N ALA B 335 -0.76 -8.39 30.42
CA ALA B 335 -1.23 -8.58 31.80
C ALA B 335 -0.86 -7.40 32.68
N GLU B 336 0.36 -6.85 32.52
CA GLU B 336 0.87 -5.69 33.29
C GLU B 336 0.05 -4.41 33.02
N HIS B 337 -0.24 -4.13 31.73
CA HIS B 337 -1.03 -2.95 31.34
C HIS B 337 -2.48 -3.06 31.84
N LEU B 338 -3.10 -4.24 31.65
CA LEU B 338 -4.47 -4.50 32.11
C LEU B 338 -4.59 -4.39 33.63
N GLN B 339 -3.59 -4.90 34.35
CA GLN B 339 -3.65 -4.90 35.82
C GLN B 339 -3.61 -3.52 36.43
N SER B 340 -2.76 -2.62 35.86
CA SER B 340 -2.47 -1.29 36.42
CA SER B 340 -2.50 -1.30 36.44
C SER B 340 -3.15 -0.09 35.76
N ALA B 341 -3.84 -0.26 34.63
CA ALA B 341 -4.44 0.90 33.97
C ALA B 341 -5.70 1.45 34.66
N ALA B 342 -6.05 2.70 34.33
CA ALA B 342 -7.26 3.39 34.84
C ALA B 342 -8.51 2.64 34.37
N ASP B 343 -8.46 2.10 33.13
CA ASP B 343 -9.56 1.39 32.47
C ASP B 343 -8.98 0.56 31.32
N ASN B 344 -9.82 -0.33 30.76
CA ASN B 344 -9.39 -1.22 29.67
C ASN B 344 -8.99 -0.46 28.42
N ALA B 345 -9.71 0.62 28.07
CA ALA B 345 -9.39 1.42 26.87
C ALA B 345 -7.96 1.98 26.92
N SER B 346 -7.58 2.56 28.08
CA SER B 346 -6.22 3.09 28.35
C SER B 346 -5.19 1.97 28.29
N ALA B 347 -5.48 0.79 28.91
CA ALA B 347 -4.58 -0.38 28.93
C ALA B 347 -4.28 -0.86 27.52
N LEU B 348 -5.33 -1.01 26.69
CA LEU B 348 -5.19 -1.54 25.31
C LEU B 348 -4.40 -0.61 24.40
N ALA B 349 -4.65 0.70 24.50
CA ALA B 349 -3.95 1.70 23.70
C ALA B 349 -2.46 1.76 24.11
N ALA B 350 -2.15 1.71 25.43
CA ALA B 350 -0.77 1.74 25.94
C ALA B 350 -0.04 0.43 25.57
N PHE B 351 -0.72 -0.72 25.67
CA PHE B 351 -0.13 -2.01 25.28
C PHE B 351 0.27 -1.96 23.81
N THR B 352 -0.68 -1.54 22.95
CA THR B 352 -0.46 -1.44 21.50
C THR B 352 0.69 -0.47 21.20
N ALA B 353 0.72 0.73 21.85
CA ALA B 353 1.76 1.74 21.63
C ALA B 353 3.15 1.21 22.04
N GLN B 354 3.23 0.42 23.13
CA GLN B 354 4.50 -0.15 23.58
C GLN B 354 5.00 -1.30 22.69
N ARG B 355 4.13 -2.26 22.36
CA ARG B 355 4.51 -3.49 21.67
C ARG B 355 4.61 -3.43 20.15
N GLN B 356 3.80 -2.59 19.48
CA GLN B 356 3.82 -2.47 18.02
C GLN B 356 5.21 -2.18 17.43
N PRO B 357 5.97 -1.15 17.90
CA PRO B 357 7.31 -0.94 17.33
C PRO B 357 8.20 -2.17 17.56
N ASP B 358 8.04 -2.89 18.71
CA ASP B 358 8.81 -4.09 19.01
C ASP B 358 8.48 -5.26 18.10
N ALA B 359 7.18 -5.55 17.89
CA ALA B 359 6.73 -6.60 16.97
C ALA B 359 7.26 -6.31 15.52
N LEU B 360 7.20 -5.05 15.04
CA LEU B 360 7.73 -4.68 13.72
C LEU B 360 9.23 -4.97 13.63
N ALA B 361 9.99 -4.64 14.70
CA ALA B 361 11.43 -4.84 14.76
C ALA B 361 11.81 -6.33 14.66
N ILE B 362 11.14 -7.22 15.45
CA ILE B 362 11.39 -8.65 15.38
C ILE B 362 10.96 -9.25 14.04
N GLN B 363 9.86 -8.75 13.46
CA GLN B 363 9.43 -9.22 12.14
C GLN B 363 10.56 -8.94 11.11
N ALA B 364 11.15 -7.71 11.16
CA ALA B 364 12.24 -7.30 10.23
C ALA B 364 13.53 -8.10 10.50
N MET B 365 13.88 -8.28 11.76
CA MET B 365 15.08 -9.02 12.14
C MET B 365 14.97 -10.51 11.81
N ALA B 366 13.77 -11.11 11.97
CA ALA B 366 13.55 -12.52 11.58
C ALA B 366 13.74 -12.69 10.06
N LEU B 367 13.21 -11.76 9.24
CA LEU B 367 13.40 -11.79 7.79
C LEU B 367 14.91 -11.71 7.44
N GLU B 368 15.64 -10.79 8.08
CA GLU B 368 17.08 -10.58 7.89
C GLU B 368 17.88 -11.82 8.32
N ASN B 369 17.43 -12.55 9.39
CA ASN B 369 18.17 -13.73 9.89
C ASN B 369 18.29 -14.88 8.86
N TYR B 370 17.40 -14.93 7.85
CA TYR B 370 17.50 -15.98 6.83
C TYR B 370 18.86 -15.96 6.13
N VAL B 371 19.29 -14.77 5.62
CA VAL B 371 20.58 -14.65 4.92
C VAL B 371 21.74 -14.91 5.88
N GLU B 372 21.62 -14.52 7.17
CA GLU B 372 22.66 -14.75 8.18
C GLU B 372 22.95 -16.24 8.33
N MET B 373 21.89 -17.06 8.44
CA MET B 373 21.99 -18.50 8.63
C MET B 373 22.37 -19.22 7.35
N SER B 374 21.80 -18.81 6.20
CA SER B 374 21.95 -19.52 4.93
C SER B 374 23.11 -19.05 4.04
N SER B 375 23.47 -17.79 4.12
CA SER B 375 24.55 -17.23 3.28
C SER B 375 25.72 -16.61 4.04
N LYS B 376 25.44 -15.78 5.06
CA LYS B 376 26.48 -15.07 5.79
C LYS B 376 27.43 -15.96 6.60
N VAL B 377 26.93 -17.02 7.31
CA VAL B 377 27.76 -17.94 8.10
C VAL B 377 28.95 -18.54 7.30
N ALA B 378 28.76 -18.69 5.98
CA ALA B 378 29.72 -19.26 5.05
C ALA B 378 30.56 -18.18 4.33
N SER B 379 30.25 -16.89 4.57
CA SER B 379 30.91 -15.74 3.94
C SER B 379 32.29 -15.43 4.54
N PRO B 380 33.31 -15.09 3.70
CA PRO B 380 34.64 -14.78 4.27
C PRO B 380 34.67 -13.45 5.03
N THR B 381 33.93 -12.44 4.56
CA THR B 381 33.87 -11.12 5.18
C THR B 381 33.06 -11.13 6.50
N TYR B 382 31.99 -11.98 6.62
CA TYR B 382 31.15 -12.07 7.82
C TYR B 382 31.92 -12.63 9.01
N LEU B 383 32.81 -13.60 8.75
CA LEU B 383 33.62 -14.23 9.80
C LEU B 383 34.60 -13.22 10.41
N LEU B 384 35.15 -12.31 9.56
CA LEU B 384 36.06 -11.25 9.98
C LEU B 384 35.28 -10.23 10.81
N GLU B 385 34.05 -9.89 10.38
CA GLU B 385 33.11 -8.98 11.06
C GLU B 385 32.77 -9.56 12.45
N ARG B 386 32.51 -10.90 12.52
CA ARG B 386 32.17 -11.67 13.73
C ARG B 386 33.30 -11.64 14.76
N GLU B 387 34.53 -11.87 14.28
CA GLU B 387 35.80 -11.86 15.03
C GLU B 387 36.00 -10.46 15.62
N LEU B 388 35.86 -9.42 14.78
CA LEU B 388 35.97 -8.03 15.21
C LEU B 388 34.87 -7.70 16.24
N GLY B 389 33.67 -8.25 16.02
CA GLY B 389 32.53 -8.07 16.93
C GLY B 389 32.83 -8.56 18.33
N GLN B 390 33.50 -9.73 18.42
CA GLN B 390 33.89 -10.37 19.69
C GLN B 390 34.89 -9.52 20.48
N ILE B 391 35.91 -8.96 19.79
CA ILE B 391 36.92 -8.08 20.36
C ILE B 391 36.22 -6.83 20.94
N MET B 392 35.29 -6.23 20.14
CA MET B 392 34.52 -5.05 20.55
C MET B 392 33.64 -5.38 21.76
N ALA B 393 33.02 -6.58 21.77
CA ALA B 393 32.21 -7.07 22.91
C ALA B 393 33.09 -7.23 24.17
N GLN B 394 34.35 -7.70 24.02
CA GLN B 394 35.29 -7.86 25.12
C GLN B 394 35.74 -6.50 25.67
N ARG B 395 36.09 -5.57 24.75
CA ARG B 395 36.58 -4.24 25.10
C ARG B 395 35.51 -3.34 25.67
N GLN B 396 34.27 -3.38 25.11
CA GLN B 396 33.15 -2.51 25.50
C GLN B 396 31.90 -3.38 25.78
N PRO B 397 31.88 -4.17 26.89
CA PRO B 397 30.76 -5.10 27.15
C PRO B 397 29.37 -4.49 27.34
N THR B 398 29.29 -3.22 27.73
CA THR B 398 28.00 -2.55 27.93
C THR B 398 27.57 -1.73 26.70
N ARG B 399 28.43 -1.66 25.66
CA ARG B 399 28.15 -0.87 24.44
C ARG B 399 27.99 -1.76 23.20
N PHE B 400 28.96 -2.66 22.97
CA PHE B 400 28.87 -3.54 21.81
C PHE B 400 28.38 -4.91 22.27
N ILE B 401 27.10 -5.18 21.98
CA ILE B 401 26.45 -6.47 22.27
C ILE B 401 25.93 -6.96 20.93
N PRO B 402 26.46 -8.07 20.36
CA PRO B 402 25.99 -8.53 19.04
C PRO B 402 24.47 -8.63 18.97
N ARG B 403 23.88 -8.22 17.83
CA ARG B 403 22.42 -8.24 17.65
C ARG B 403 21.77 -9.59 18.01
N TYR B 404 22.37 -10.71 17.56
CA TYR B 404 21.85 -12.04 17.89
C TYR B 404 21.68 -12.21 19.43
N SER B 405 22.69 -11.82 20.18
CA SER B 405 22.69 -11.85 21.64
C SER B 405 21.64 -10.92 22.25
N MET B 406 21.50 -9.66 21.78
CA MET B 406 20.48 -8.71 22.28
C MET B 406 19.08 -9.30 22.06
N VAL B 407 18.84 -9.90 20.90
CA VAL B 407 17.54 -10.53 20.60
C VAL B 407 17.32 -11.81 21.45
N THR B 408 18.29 -12.73 21.45
CA THR B 408 18.12 -14.03 22.02
C THR B 408 18.36 -14.11 23.55
N PHE B 409 19.37 -13.39 24.09
CA PHE B 409 19.77 -13.51 25.48
C PHE B 409 19.46 -12.32 26.37
N SER B 410 18.83 -11.29 25.83
CA SER B 410 18.45 -10.14 26.65
C SER B 410 16.98 -9.82 26.47
N ARG B 411 16.47 -8.95 27.33
CA ARG B 411 15.08 -8.50 27.28
C ARG B 411 15.02 -7.04 26.80
N LEU B 412 16.08 -6.57 26.12
CA LEU B 412 16.10 -5.21 25.56
C LEU B 412 14.91 -5.10 24.57
N PRO B 413 14.10 -4.01 24.58
CA PRO B 413 13.00 -3.94 23.59
C PRO B 413 13.53 -4.24 22.18
N TYR B 414 12.83 -5.11 21.42
CA TYR B 414 13.26 -5.49 20.05
C TYR B 414 13.64 -4.27 19.19
N ALA B 415 12.88 -3.17 19.28
CA ALA B 415 13.17 -1.93 18.51
C ALA B 415 14.52 -1.32 18.85
N GLN B 416 14.92 -1.39 20.14
CA GLN B 416 16.21 -0.89 20.59
C GLN B 416 17.33 -1.83 20.12
N ALA B 417 17.09 -3.16 20.18
CA ALA B 417 18.06 -4.18 19.72
C ALA B 417 18.30 -3.97 18.22
N MET B 418 17.24 -3.71 17.46
CA MET B 418 17.37 -3.45 16.03
C MET B 418 18.12 -2.14 15.73
N ALA B 419 17.80 -1.02 16.44
CA ALA B 419 18.46 0.29 16.27
C ALA B 419 19.96 0.20 16.61
N ARG B 420 20.30 -0.44 17.75
CA ARG B 420 21.69 -0.64 18.14
C ARG B 420 22.39 -1.60 17.16
N GLY B 421 21.66 -2.62 16.68
CA GLY B 421 22.17 -3.60 15.71
C GLY B 421 22.56 -2.94 14.40
N GLN B 422 21.76 -1.97 13.92
CA GLN B 422 22.05 -1.23 12.68
C GLN B 422 23.34 -0.42 12.79
N ILE B 423 23.55 0.30 13.93
CA ILE B 423 24.77 1.08 14.21
C ILE B 423 25.99 0.13 14.21
N GLN B 424 25.85 -1.05 14.89
CA GLN B 424 26.91 -2.06 14.97
C GLN B 424 27.27 -2.64 13.62
N GLU B 425 26.26 -3.00 12.81
CA GLU B 425 26.42 -3.54 11.46
C GLU B 425 27.14 -2.52 10.59
N GLN B 426 26.78 -1.23 10.71
CA GLN B 426 27.43 -0.14 9.95
C GLN B 426 28.92 0.01 10.35
N LEU B 427 29.22 -0.01 11.67
CA LEU B 427 30.59 0.10 12.22
C LEU B 427 31.49 -1.05 11.72
N LEU B 428 31.00 -2.30 11.81
CA LEU B 428 31.73 -3.50 11.39
C LEU B 428 32.01 -3.52 9.90
N LYS B 429 31.00 -3.19 9.08
CA LYS B 429 31.10 -3.14 7.62
C LYS B 429 32.17 -2.10 7.17
N PHE B 430 32.15 -0.85 7.72
CA PHE B 430 33.15 0.17 7.36
C PHE B 430 34.54 -0.21 7.83
N ALA B 431 34.65 -0.84 9.01
CA ALA B 431 35.94 -1.28 9.56
C ALA B 431 36.61 -2.39 8.75
N VAL B 432 35.85 -3.43 8.30
CA VAL B 432 36.46 -4.57 7.60
C VAL B 432 36.66 -4.33 6.09
N ALA B 433 35.93 -3.35 5.50
CA ALA B 433 36.08 -3.05 4.08
C ALA B 433 37.51 -2.69 3.73
N ASN B 434 38.01 -3.26 2.61
CA ASN B 434 39.36 -3.08 2.08
C ASN B 434 40.46 -3.65 3.00
N HIS B 435 40.09 -4.67 3.81
CA HIS B 435 40.96 -5.42 4.71
C HIS B 435 40.59 -6.90 4.65
N SER B 436 41.58 -7.77 4.37
CA SER B 436 41.40 -9.21 4.25
C SER B 436 41.53 -9.93 5.60
N ASP B 437 42.22 -9.29 6.57
CA ASP B 437 42.44 -9.88 7.89
C ASP B 437 42.42 -8.84 9.03
N LEU B 438 42.30 -9.34 10.27
CA LEU B 438 42.22 -8.60 11.52
C LEU B 438 43.49 -7.77 11.84
N THR B 439 44.67 -8.26 11.42
CA THR B 439 45.95 -7.59 11.69
C THR B 439 46.10 -6.24 10.96
N SER B 440 45.42 -6.06 9.81
CA SER B 440 45.44 -4.81 9.04
C SER B 440 44.32 -3.83 9.50
N ILE B 441 43.47 -4.26 10.45
CA ILE B 441 42.38 -3.45 10.99
C ILE B 441 42.87 -2.69 12.24
N ASN B 442 42.63 -1.38 12.27
CA ASN B 442 42.99 -0.53 13.41
C ASN B 442 41.86 -0.71 14.45
N LEU B 443 42.11 -1.57 15.46
CA LEU B 443 41.13 -1.94 16.50
C LEU B 443 40.72 -0.79 17.41
N ASP B 444 41.70 0.06 17.82
CA ASP B 444 41.45 1.23 18.66
C ASP B 444 40.54 2.25 17.97
N ALA B 445 40.66 2.38 16.63
CA ALA B 445 39.81 3.28 15.84
C ALA B 445 38.36 2.77 15.82
N VAL B 446 38.16 1.44 15.65
CA VAL B 446 36.83 0.80 15.68
C VAL B 446 36.21 1.00 17.07
N GLU B 447 37.02 0.79 18.14
CA GLU B 447 36.59 0.93 19.53
C GLU B 447 36.17 2.37 19.86
N HIS B 448 36.89 3.36 19.29
CA HIS B 448 36.57 4.77 19.47
C HIS B 448 35.20 5.07 18.88
N GLU B 449 34.88 4.42 17.74
CA GLU B 449 33.58 4.55 17.07
C GLU B 449 32.49 3.92 17.94
N VAL B 450 32.80 2.80 18.63
CA VAL B 450 31.88 2.12 19.53
C VAL B 450 31.46 3.07 20.66
N THR B 451 32.46 3.68 21.35
CA THR B 451 32.25 4.63 22.45
C THR B 451 31.54 5.91 21.98
N ARG B 452 31.79 6.30 20.73
CA ARG B 452 31.18 7.51 20.17
C ARG B 452 29.71 7.30 19.73
N CYS B 453 29.36 6.11 19.22
CA CYS B 453 28.05 5.84 18.62
C CYS B 453 27.08 4.99 19.47
N LEU B 454 27.60 4.26 20.47
CA LEU B 454 26.76 3.36 21.27
C LEU B 454 26.75 3.69 22.76
N PRO B 455 25.69 4.36 23.26
CA PRO B 455 25.63 4.67 24.71
C PRO B 455 25.64 3.38 25.54
N PRO B 456 26.26 3.38 26.76
CA PRO B 456 26.29 2.14 27.55
C PRO B 456 24.89 1.72 28.03
N LEU B 457 24.70 0.42 28.20
CA LEU B 457 23.44 -0.16 28.67
C LEU B 457 23.56 -0.61 30.12
PA FAD C . -15.10 18.86 -25.64
O1A FAD C . -13.94 19.75 -25.46
O2A FAD C . -16.31 19.18 -24.79
O5B FAD C . -15.52 18.91 -27.19
C5B FAD C . -16.74 18.29 -27.63
C4B FAD C . -17.14 18.99 -28.91
O4B FAD C . -18.24 18.27 -29.52
C3B FAD C . -17.61 20.44 -28.72
O3B FAD C . -17.01 21.31 -29.66
C2B FAD C . -19.14 20.33 -28.85
O2B FAD C . -19.74 21.54 -29.29
C1B FAD C . -19.25 19.19 -29.88
N9A FAD C . -20.51 18.47 -29.93
C8A FAD C . -21.28 18.04 -28.87
N7A FAD C . -22.35 17.38 -29.23
C5A FAD C . -22.28 17.35 -30.61
C6A FAD C . -23.12 16.78 -31.60
N6A FAD C . -24.23 16.08 -31.30
N1A FAD C . -22.76 16.93 -32.89
C2A FAD C . -21.65 17.61 -33.18
N3A FAD C . -20.78 18.19 -32.33
C4A FAD C . -21.16 18.03 -31.06
N1 FAD C . -9.43 19.46 -18.07
C2 FAD C . -8.09 19.70 -17.87
O2 FAD C . -7.21 18.93 -18.30
N3 FAD C . -7.69 20.79 -17.08
C4 FAD C . -8.55 21.65 -16.39
O4 FAD C . -8.09 22.53 -15.67
C4X FAD C . -9.97 21.34 -16.56
N5 FAD C . -10.84 22.05 -15.90
C5X FAD C . -12.19 21.77 -16.09
C6 FAD C . -13.14 22.46 -15.33
C7 FAD C . -14.50 22.18 -15.42
C7M FAD C . -15.45 22.91 -14.51
C8 FAD C . -14.95 21.20 -16.34
C8M FAD C . -16.41 20.87 -16.47
C9 FAD C . -14.01 20.53 -17.13
C9A FAD C . -12.64 20.78 -16.99
N10 FAD C . -11.66 20.00 -17.65
C10 FAD C . -10.32 20.24 -17.46
C1' FAD C . -12.11 18.90 -18.51
C2' FAD C . -12.12 19.31 -19.98
O2' FAD C . -12.90 20.50 -20.15
C3' FAD C . -12.67 18.20 -20.87
O3' FAD C . -12.24 16.93 -20.37
C4' FAD C . -12.26 18.33 -22.34
O4' FAD C . -12.81 19.52 -22.90
C5' FAD C . -12.69 17.09 -23.11
O5' FAD C . -12.28 17.30 -24.47
P FAD C . -13.27 16.63 -25.57
O1P FAD C . -12.70 16.98 -26.89
O2P FAD C . -13.40 15.14 -25.31
O3P FAD C . -14.68 17.35 -25.39
CL CL D . -10.58 17.73 -15.42
C4 OK1 E . -8.19 21.24 -10.04
C5 OK1 E . -9.19 21.93 -10.70
C6 OK1 E . -8.99 22.53 -11.95
C7 OK1 E . -9.82 24.42 -13.17
C8 OK1 E . -11.08 24.82 -13.87
C10 OK1 E . -12.67 26.22 -14.04
C13 OK1 E . -6.77 21.71 -11.94
O4 OK1 E . -3.69 20.41 -11.45
C14 OK1 E . -4.85 20.73 -11.39
N OK1 E . -5.75 20.52 -10.37
C2 OK1 E . -5.33 20.13 -9.02
C1 OK1 E . -4.56 21.25 -8.32
C OK1 E . -4.07 20.89 -6.93
O1 OK1 E . -4.20 19.80 -6.40
O OK1 E . -3.48 21.91 -6.36
O3 OK1 E . -5.48 21.46 -12.37
C3 OK1 E . -6.96 21.13 -10.70
C12 OK1 E . -7.76 22.41 -12.59
CL OK1 E . -10.78 22.00 -9.98
O2 OK1 E . -10.06 23.17 -12.50
C11 OK1 E . -12.32 25.13 -13.01
C9 OK1 E . -11.17 26.26 -14.37
C4 OK1 F . 7.96 1.00 8.93
C5 OK1 F . 7.15 0.61 7.88
C6 OK1 F . 6.97 -0.75 7.56
C7 OK1 F . 5.69 -2.38 6.27
C8 OK1 F . 4.59 -2.35 5.23
C10 OK1 F . 3.71 -1.11 3.73
C13 OK1 F . 8.50 -1.32 9.28
O4 OK1 F . 10.68 -1.62 11.85
C14 OK1 F . 9.93 -1.24 10.99
N OK1 F . 9.53 0.04 10.69
C2 OK1 F . 10.14 1.25 11.28
C1 OK1 F . 9.30 1.79 12.42
C OK1 F . 9.95 2.95 13.14
O1 OK1 F . 10.94 2.83 13.83
O OK1 F . 9.31 4.07 12.98
O3 OK1 F . 9.29 -2.09 10.13
C3 OK1 F . 8.64 0.01 9.62
C12 OK1 F . 7.67 -1.73 8.26
CL OK1 F . 6.42 1.83 6.87
O2 OK1 F . 6.06 -1.01 6.56
C11 OK1 F . 3.60 -1.16 5.26
C9 OK1 F . 5.00 -1.93 3.82
C1 GOL G . -17.56 17.84 -18.25
O1 GOL G . -16.34 18.13 -18.95
C2 GOL G . -17.30 16.83 -17.16
O2 GOL G . -17.48 15.49 -17.66
C3 GOL G . -18.13 17.04 -15.92
O3 GOL G . -17.73 16.19 -14.85
PA FAD H . -0.70 -20.39 19.00
O1A FAD H . 0.35 -21.07 19.80
O2A FAD H . -0.82 -20.85 17.55
O5B FAD H . -2.08 -20.60 19.76
C5B FAD H . -3.31 -20.21 19.10
C4B FAD H . -4.40 -21.03 19.74
O4B FAD H . -5.69 -20.54 19.31
C3B FAD H . -4.37 -22.53 19.39
O3B FAD H . -4.51 -23.33 20.56
C2B FAD H . -5.52 -22.67 18.38
O2B FAD H . -6.08 -23.98 18.41
C1B FAD H . -6.50 -21.63 18.93
N9A FAD H . -7.51 -21.12 17.99
C8A FAD H . -7.34 -20.79 16.68
N7A FAD H . -8.43 -20.34 16.09
C5A FAD H . -9.38 -20.38 17.11
C6A FAD H . -10.74 -19.98 17.14
N6A FAD H . -11.40 -19.49 16.09
N1A FAD H . -11.41 -20.14 18.31
C2A FAD H . -10.75 -20.65 19.37
N3A FAD H . -9.46 -21.03 19.45
C4A FAD H . -8.83 -20.86 18.28
N1 FAD H . 8.71 -19.68 17.85
C2 FAD H . 9.83 -19.67 18.70
O2 FAD H . 9.98 -18.81 19.58
N3 FAD H . 10.83 -20.65 18.54
C4 FAD H . 10.82 -21.67 17.60
O4 FAD H . 11.76 -22.45 17.52
C4X FAD H . 9.64 -21.69 16.73
N5 FAD H . 9.54 -22.66 15.85
C5X FAD H . 8.44 -22.66 15.00
C6 FAD H . 8.31 -23.69 14.07
C7 FAD H . 7.25 -23.72 13.15
C7M FAD H . 7.18 -24.84 12.14
C8 FAD H . 6.30 -22.68 13.17
C8M FAD H . 5.18 -22.63 12.16
C9 FAD H . 6.40 -21.67 14.12
C9A FAD H . 7.46 -21.66 15.05
N10 FAD H . 7.56 -20.65 16.07
C10 FAD H . 8.64 -20.63 16.92
C1' FAD H . 6.47 -19.68 16.22
C2' FAD H . 5.47 -20.10 17.29
O2' FAD H . 4.95 -21.40 17.02
C3' FAD H . 4.31 -19.11 17.41
O3' FAD H . 4.80 -17.77 17.27
C4' FAD H . 3.54 -19.22 18.72
O4' FAD H . 2.93 -20.51 18.83
C5' FAD H . 2.51 -18.12 18.83
O5' FAD H . 1.84 -18.32 20.07
P FAD H . 0.28 -17.89 20.07
O1P FAD H . -0.25 -18.22 21.42
O2P FAD H . 0.16 -16.43 19.65
O3P FAD H . -0.46 -18.80 18.99
CL CL I . 9.35 -17.94 14.95
C4 OK1 J . 15.74 -20.45 13.11
C5 OK1 J . 14.74 -21.25 12.55
C6 OK1 J . 13.91 -22.04 13.34
C7 OK1 J . 12.04 -23.57 13.40
C8 OK1 J . 11.11 -24.23 12.41
C10 OK1 J . 10.53 -24.49 10.39
C13 OK1 J . 15.06 -21.29 15.27
O4 OK1 J . 17.01 -20.00 17.69
C14 OK1 J . 16.43 -20.25 16.66
N OK1 J . 16.71 -19.83 15.39
C2 OK1 J . 17.89 -19.03 15.04
C1 OK1 J . 19.12 -19.89 14.81
C OK1 J . 20.35 -19.11 14.42
O1 OK1 J . 21.45 -19.80 14.55
O OK1 J . 20.33 -17.97 14.02
O3 OK1 J . 15.38 -21.14 16.60
C3 OK1 J . 15.86 -20.49 14.50
C12 OK1 J . 14.07 -22.07 14.72
CL OK1 J . 14.51 -21.22 10.83
O2 OK1 J . 12.92 -22.70 12.67
C11 OK1 J . 11.76 -24.92 11.21
C9 OK1 J . 10.39 -23.34 11.38
C1 GOL K . 4.99 -19.13 10.20
O1 GOL K . 3.90 -19.94 10.62
C2 GOL K . 4.50 -18.04 9.27
O2 GOL K . 5.61 -17.25 8.85
C3 GOL K . 3.48 -17.15 9.96
O3 GOL K . 2.91 -16.20 9.06
#